data_9EYU
#
_entry.id   9EYU
#
_cell.length_a   101.063
_cell.length_b   139.005
_cell.length_c   178.414
_cell.angle_alpha   90.00
_cell.angle_beta   90.00
_cell.angle_gamma   90.00
#
_symmetry.space_group_name_H-M   'I 2 2 2'
#
loop_
_entity.id
_entity.type
_entity.pdbx_description
1 polymer 'Protein arginine N-methyltransferase 5, N-terminally processed'
2 polymer 'Methylosome protein WDR77'
3 non-polymer (1~{S})-2-[(2-carbamimidamido-1,3-thiazol-5-yl)methyl]-~{N}-[(4-fluorophenyl)methyl]-3-oxidanylidene-1~{H}-isoindole-1-carboxamide
4 non-polymer "5'-DEOXY-5'-METHYLTHIOADENOSINE"
5 non-polymer 'SULFATE ION'
6 water water
#
loop_
_entity_poly.entity_id
_entity_poly.type
_entity_poly.pdbx_seq_one_letter_code
_entity_poly.pdbx_strand_id
1 'polypeptide(L)'
;MAAMAVGGAGGSRVSSGRDLNCVPEIADTLGAVAKQGFDFLCMPVFHPRFKREFIQEPAKNRPGPQTRSDLLLSGRDWNT
LIVGKLSPWIRPDSKVEKIRRNSEAAMLQELNFGAYLGLPAFLLPLNQEDNTNLARVLTNHIHTGHHSSMFWMRVPLVAP
EDLRDDIIENAPTTHTEEYSGEEKTWMWWHNFRTLCDYSKRIAVALEIGADLPSNHVIDRWLGEPIKAAILPTSIFLTNK
KGFPVLSKMHQRLIFRLLKLEVQFIITGTNHHSEKEFCSYLQYLEYLSQNRPPPNAYELFAKGYEDYLQSPLQPLMDNLE
SQTYEVFEKDPIKYSQYQQAIYKCLLDRVPEEEKDTNVQVLMVLGAGRGPLVNASLRAAKQADRRIKLYAVEKNPNAVVT
LENWQFEEWGSQVTVVSSDMREWVAPEKADIIVSELLGSFADNELSPECLDGAQHFLKDDGVSIPGEYTSFLAPISSSKL
YNEVRACREKDRDPEAQFEMPYVVRLHNFHQLSAPQPCFTFSHPNRDPMIDNNRYCTLEFPVEVNTVLHGFAGYFETVLY
QDITLSIRPETHSPGMFSWFPILFPIKQPITVREGQTICVRFWRCSNSKKVWYEWAVTAPVCSAIHNPTGRSYTIGL
;
A
2 'polypeptide(L)'
;MRKETPPPLVPPAAREWNLPPNAPACMERQLEAARYRSDGALLLGASSLSGRCWAGSLWLFKDPCAAPNEGFCSAGVQTE
AGVADLTWVGERGILVASDSGAVELWELDENETLIVSKFCKYEHDDIVSTVSVLSSGTQAVSGSKDICIKVWDLAQQVVL
SSYRAHAAQVTCVAASPHKDSVFLSCSEDNRILLWDTRCPKPASQIGCSAPGYLPTSLAWHPQQSEVFVFGDENGTVSLV
DTKSTSCVLSSAVHSQCVTGLVFSPHSVPFLASLSEDCSLAVLDSSLSELFRSQAHRDFVRDATWSPLNHSLLTTVGWDH
QVVHHVVPTEPLPAPGPASVTE
;
B
#
# COMPACT_ATOMS: atom_id res chain seq x y z
N ARG A 13 13.01 2.52 -16.62
CA ARG A 13 12.79 1.09 -16.30
C ARG A 13 11.75 0.96 -15.19
N VAL A 14 12.01 1.62 -14.05
CA VAL A 14 11.13 1.56 -12.89
C VAL A 14 10.21 2.79 -12.91
N SER A 15 8.91 2.55 -12.66
CA SER A 15 7.93 3.62 -12.55
C SER A 15 8.02 4.23 -11.16
N SER A 16 8.15 5.57 -11.09
CA SER A 16 8.37 6.26 -9.84
C SER A 16 7.63 7.60 -9.82
N GLY A 17 7.26 8.04 -8.61
CA GLY A 17 6.56 9.30 -8.41
C GLY A 17 7.12 10.05 -7.21
N ARG A 18 6.56 11.25 -6.97
CA ARG A 18 7.05 12.14 -5.93
C ARG A 18 5.88 12.55 -5.02
N ASP A 19 6.06 12.38 -3.70
CA ASP A 19 5.08 12.78 -2.72
C ASP A 19 5.46 14.15 -2.16
N LEU A 20 4.54 15.10 -2.26
CA LEU A 20 4.71 16.42 -1.65
C LEU A 20 3.43 16.77 -0.90
N ASN A 21 3.59 17.49 0.22
CA ASN A 21 2.46 18.00 0.97
C ASN A 21 2.51 19.53 0.96
N CYS A 22 3.24 20.09 -0.02
CA CYS A 22 3.37 21.52 -0.17
C CYS A 22 3.57 21.86 -1.65
N VAL A 23 2.59 22.56 -2.22
CA VAL A 23 2.62 22.94 -3.63
C VAL A 23 2.21 24.41 -3.72
N PRO A 24 3.17 25.36 -3.81
CA PRO A 24 2.83 26.78 -3.92
C PRO A 24 2.33 27.18 -5.31
N GLU A 25 2.84 26.49 -6.34
CA GLU A 25 2.41 26.71 -7.71
C GLU A 25 2.41 25.36 -8.44
N ILE A 26 1.22 24.93 -8.87
CA ILE A 26 1.02 23.56 -9.35
C ILE A 26 1.76 23.33 -10.66
N ALA A 27 1.84 24.37 -11.50
CA ALA A 27 2.51 24.28 -12.78
C ALA A 27 4.02 24.14 -12.59
N ASP A 28 4.58 24.95 -11.68
CA ASP A 28 6.00 24.99 -11.43
C ASP A 28 6.46 23.69 -10.77
N THR A 29 5.65 23.19 -9.83
CA THR A 29 5.99 22.01 -9.05
C THR A 29 6.20 20.81 -9.97
N LEU A 30 5.25 20.60 -10.89
CA LEU A 30 5.32 19.49 -11.84
C LEU A 30 6.61 19.57 -12.64
N GLY A 31 6.90 20.77 -13.17
CA GLY A 31 8.09 20.99 -13.99
C GLY A 31 9.35 20.47 -13.31
N ALA A 32 9.53 20.84 -12.04
CA ALA A 32 10.67 20.39 -11.24
C ALA A 32 10.64 18.88 -11.09
N VAL A 33 9.46 18.34 -10.73
CA VAL A 33 9.28 16.92 -10.48
C VAL A 33 9.56 16.12 -11.76
N ALA A 34 9.10 16.65 -12.90
CA ALA A 34 9.23 15.98 -14.17
C ALA A 34 10.69 15.98 -14.63
N LYS A 35 11.38 17.11 -14.42
CA LYS A 35 12.77 17.27 -14.81
C LYS A 35 13.66 16.26 -14.08
N GLN A 36 13.29 15.93 -12.83
CA GLN A 36 14.08 15.03 -12.01
C GLN A 36 13.89 13.58 -12.47
N GLY A 37 12.82 13.31 -13.21
CA GLY A 37 12.63 12.02 -13.86
C GLY A 37 11.48 11.22 -13.26
N PHE A 38 10.64 11.87 -12.44
CA PHE A 38 9.48 11.22 -11.84
C PHE A 38 8.36 11.14 -12.88
N ASP A 39 7.50 10.13 -12.73
CA ASP A 39 6.42 9.88 -13.68
C ASP A 39 5.16 10.63 -13.26
N PHE A 40 4.88 10.68 -11.95
CA PHE A 40 3.68 11.32 -11.45
C PHE A 40 3.98 12.05 -10.14
N LEU A 41 3.01 12.85 -9.68
CA LEU A 41 3.15 13.68 -8.49
C LEU A 41 1.96 13.43 -7.57
N CYS A 42 2.24 13.03 -6.33
CA CYS A 42 1.23 12.94 -5.28
C CYS A 42 1.18 14.27 -4.55
N MET A 43 -0.01 14.92 -4.55
CA MET A 43 -0.15 16.25 -3.99
C MET A 43 -1.57 16.44 -3.44
N PRO A 44 -1.80 17.45 -2.56
CA PRO A 44 -3.14 17.74 -2.06
C PRO A 44 -4.03 18.40 -3.11
N VAL A 45 -5.34 18.20 -2.97
CA VAL A 45 -6.34 18.80 -3.85
C VAL A 45 -6.86 20.07 -3.19
N PHE A 46 -6.93 20.08 -1.85
CA PHE A 46 -7.17 21.28 -1.07
C PHE A 46 -5.94 21.51 -0.19
N HIS A 47 -5.71 22.77 0.21
CA HIS A 47 -4.53 23.12 1.00
C HIS A 47 -4.61 22.39 2.34
N PRO A 48 -3.57 21.59 2.71
CA PRO A 48 -3.61 20.76 3.92
C PRO A 48 -4.12 21.46 5.19
N ARG A 49 -3.77 22.74 5.36
CA ARG A 49 -4.11 23.48 6.56
C ARG A 49 -5.44 24.21 6.41
N PHE A 50 -6.03 24.19 5.21
CA PHE A 50 -7.28 24.90 4.97
C PHE A 50 -8.45 24.08 5.51
N LYS A 51 -8.67 24.20 6.83
CA LYS A 51 -9.72 23.48 7.51
C LYS A 51 -11.05 24.20 7.26
N ARG A 52 -12.11 23.41 7.01
CA ARG A 52 -13.39 23.95 6.56
C ARG A 52 -14.52 23.47 7.48
N GLU A 53 -15.44 24.39 7.77
CA GLU A 53 -16.62 24.09 8.58
C GLU A 53 -17.81 23.90 7.63
N PHE A 54 -18.76 23.05 8.03
CA PHE A 54 -19.91 22.73 7.20
C PHE A 54 -21.24 22.90 7.96
N ILE A 55 -21.19 23.05 9.28
CA ILE A 55 -22.39 23.05 10.10
C ILE A 55 -22.55 24.41 10.78
N GLN A 56 -21.62 24.74 11.68
CA GLN A 56 -21.76 25.89 12.56
C GLN A 56 -21.45 27.18 11.80
N GLU A 57 -22.31 28.19 12.01
CA GLU A 57 -22.10 29.54 11.52
C GLU A 57 -21.12 30.27 12.43
N PRO A 58 -20.40 31.31 11.96
CA PRO A 58 -20.47 31.77 10.57
C PRO A 58 -19.40 31.19 9.64
N ALA A 59 -18.60 30.25 10.16
CA ALA A 59 -17.45 29.73 9.44
C ALA A 59 -17.86 28.90 8.23
N LYS A 60 -19.08 28.35 8.25
CA LYS A 60 -19.57 27.53 7.15
C LYS A 60 -19.83 28.40 5.92
N ASN A 61 -20.21 29.67 6.15
CA ASN A 61 -20.51 30.60 5.06
C ASN A 61 -19.25 31.39 4.68
N ARG A 62 -18.10 30.70 4.68
CA ARG A 62 -16.83 31.29 4.31
C ARG A 62 -16.85 31.60 2.81
N PRO A 63 -16.61 32.87 2.40
CA PRO A 63 -16.63 33.23 0.98
C PRO A 63 -15.36 32.84 0.23
N GLY A 64 -15.39 33.06 -1.09
CA GLY A 64 -14.22 32.87 -1.94
C GLY A 64 -14.09 31.43 -2.42
N PRO A 65 -13.09 31.14 -3.29
CA PRO A 65 -12.86 29.77 -3.79
C PRO A 65 -12.30 28.85 -2.71
N GLN A 66 -12.66 27.56 -2.79
CA GLN A 66 -12.30 26.59 -1.78
C GLN A 66 -10.92 26.00 -2.08
N THR A 67 -10.52 26.01 -3.36
CA THR A 67 -9.22 25.47 -3.74
C THR A 67 -8.83 25.99 -5.13
N ARG A 68 -7.83 25.35 -5.73
CA ARG A 68 -7.32 25.70 -7.05
C ARG A 68 -8.35 25.37 -8.13
N SER A 69 -8.18 26.00 -9.30
CA SER A 69 -9.00 25.73 -10.47
C SER A 69 -8.43 24.54 -11.23
N ASP A 70 -9.33 23.80 -11.89
CA ASP A 70 -8.99 22.62 -12.66
C ASP A 70 -8.29 23.02 -13.97
N LEU A 71 -8.41 24.30 -14.34
CA LEU A 71 -7.90 24.81 -15.60
C LEU A 71 -6.37 24.95 -15.58
N LEU A 72 -5.79 24.98 -14.37
CA LEU A 72 -4.36 25.22 -14.22
C LEU A 72 -3.54 24.10 -14.87
N LEU A 73 -4.11 22.89 -14.93
CA LEU A 73 -3.53 21.79 -15.69
C LEU A 73 -4.50 21.38 -16.79
N SER A 74 -3.98 20.64 -17.78
CA SER A 74 -4.80 20.04 -18.82
C SER A 74 -5.48 18.80 -18.28
N GLY A 75 -6.56 18.37 -18.95
CA GLY A 75 -7.29 17.17 -18.58
C GLY A 75 -6.37 15.95 -18.54
N ARG A 76 -5.45 15.85 -19.51
CA ARG A 76 -4.55 14.72 -19.62
C ARG A 76 -3.54 14.72 -18.48
N ASP A 77 -3.14 15.90 -18.01
CA ASP A 77 -2.19 16.03 -16.91
C ASP A 77 -2.82 15.47 -15.63
N TRP A 78 -4.06 15.89 -15.34
CA TRP A 78 -4.79 15.40 -14.17
C TRP A 78 -4.89 13.87 -14.20
N ASN A 79 -5.12 13.31 -15.39
CA ASN A 79 -5.50 11.91 -15.54
C ASN A 79 -4.31 10.97 -15.40
N THR A 80 -3.09 11.47 -15.63
CA THR A 80 -1.93 10.60 -15.74
C THR A 80 -0.83 10.97 -14.76
N LEU A 81 -0.72 12.25 -14.37
CA LEU A 81 0.46 12.75 -13.68
C LEU A 81 0.17 13.08 -12.21
N ILE A 82 -1.11 13.22 -11.83
CA ILE A 82 -1.46 13.67 -10.50
C ILE A 82 -2.07 12.51 -9.71
N VAL A 83 -1.74 12.45 -8.42
CA VAL A 83 -2.37 11.54 -7.48
C VAL A 83 -2.85 12.36 -6.29
N GLY A 84 -4.14 12.24 -5.96
CA GLY A 84 -4.75 13.05 -4.91
C GLY A 84 -4.32 12.58 -3.52
N LYS A 85 -4.53 13.44 -2.53
CA LYS A 85 -4.26 13.13 -1.14
C LYS A 85 -5.37 13.72 -0.27
N LEU A 86 -5.88 12.93 0.67
CA LEU A 86 -6.83 13.42 1.66
C LEU A 86 -6.09 14.36 2.59
N SER A 87 -6.72 15.48 2.95
CA SER A 87 -6.11 16.46 3.84
C SER A 87 -5.91 15.84 5.21
N PRO A 88 -4.84 16.23 5.96
CA PRO A 88 -4.50 15.55 7.21
C PRO A 88 -5.48 15.82 8.36
N TRP A 89 -6.16 16.97 8.30
CA TRP A 89 -7.09 17.38 9.34
C TRP A 89 -8.37 16.56 9.29
N ILE A 90 -8.65 15.94 8.14
CA ILE A 90 -9.83 15.10 7.96
C ILE A 90 -9.67 13.83 8.78
N ARG A 91 -10.46 13.71 9.86
CA ARG A 91 -10.43 12.56 10.74
C ARG A 91 -11.87 12.05 10.90
N PRO A 92 -12.35 11.15 10.02
CA PRO A 92 -13.74 10.66 10.08
C PRO A 92 -14.06 9.83 11.31
N ASP A 93 -13.03 9.25 11.95
CA ASP A 93 -13.20 8.41 13.12
C ASP A 93 -12.72 9.16 14.37
N SER A 94 -13.20 10.40 14.54
CA SER A 94 -12.89 11.18 15.72
C SER A 94 -13.92 10.88 16.81
N LYS A 95 -13.49 11.02 18.07
CA LYS A 95 -14.37 10.80 19.22
C LYS A 95 -15.35 11.97 19.35
N VAL A 96 -14.91 13.15 18.89
CA VAL A 96 -15.74 14.34 18.92
C VAL A 96 -16.72 14.27 17.74
N GLU A 97 -18.02 14.46 18.06
CA GLU A 97 -19.08 14.29 17.08
C GLU A 97 -19.01 15.37 16.01
N LYS A 98 -18.62 16.59 16.40
CA LYS A 98 -18.51 17.71 15.48
C LYS A 98 -17.42 17.46 14.45
N ILE A 99 -16.25 17.01 14.93
CA ILE A 99 -15.10 16.78 14.06
C ILE A 99 -15.40 15.63 13.11
N ARG A 100 -16.17 14.64 13.58
CA ARG A 100 -16.57 13.52 12.77
C ARG A 100 -17.40 14.02 11.59
N ARG A 101 -18.52 14.68 11.89
CA ARG A 101 -19.48 15.13 10.89
C ARG A 101 -18.79 16.03 9.86
N ASN A 102 -17.90 16.92 10.34
CA ASN A 102 -17.17 17.83 9.46
C ASN A 102 -16.23 17.04 8.55
N SER A 103 -15.54 16.05 9.11
CA SER A 103 -14.58 15.24 8.37
C SER A 103 -15.29 14.42 7.30
N GLU A 104 -16.53 13.99 7.58
CA GLU A 104 -17.34 13.27 6.62
C GLU A 104 -17.59 14.14 5.39
N ALA A 105 -18.14 15.34 5.64
CA ALA A 105 -18.47 16.28 4.58
C ALA A 105 -17.22 16.69 3.81
N ALA A 106 -16.11 16.85 4.53
CA ALA A 106 -14.84 17.26 3.93
C ALA A 106 -14.27 16.14 3.06
N MET A 107 -14.35 14.90 3.56
CA MET A 107 -13.82 13.75 2.85
C MET A 107 -14.57 13.56 1.53
N LEU A 108 -15.91 13.64 1.59
CA LEU A 108 -16.75 13.52 0.41
C LEU A 108 -16.36 14.61 -0.61
N GLN A 109 -16.19 15.84 -0.10
CA GLN A 109 -15.87 16.99 -0.93
C GLN A 109 -14.59 16.73 -1.72
N GLU A 110 -13.53 16.32 -1.02
CA GLU A 110 -12.22 16.12 -1.63
C GLU A 110 -12.27 14.96 -2.62
N LEU A 111 -12.94 13.87 -2.24
CA LEU A 111 -13.07 12.70 -3.09
C LEU A 111 -13.84 13.06 -4.36
N ASN A 112 -14.94 13.82 -4.20
CA ASN A 112 -15.76 14.23 -5.32
C ASN A 112 -14.95 15.12 -6.28
N PHE A 113 -14.12 16.00 -5.70
CA PHE A 113 -13.28 16.87 -6.51
C PHE A 113 -12.24 16.03 -7.25
N GLY A 114 -11.72 14.99 -6.57
CA GLY A 114 -10.80 14.05 -7.18
C GLY A 114 -11.40 13.43 -8.44
N ALA A 115 -12.67 13.01 -8.34
CA ALA A 115 -13.38 12.40 -9.45
C ALA A 115 -13.65 13.43 -10.55
N TYR A 116 -13.97 14.66 -10.12
CA TYR A 116 -14.21 15.77 -11.04
C TYR A 116 -12.99 16.00 -11.92
N LEU A 117 -11.80 16.05 -11.30
CA LEU A 117 -10.55 16.24 -12.01
C LEU A 117 -10.25 15.02 -12.87
N GLY A 118 -10.72 13.84 -12.42
CA GLY A 118 -10.50 12.59 -13.13
C GLY A 118 -9.12 12.02 -12.80
N LEU A 119 -8.77 12.04 -11.51
CA LEU A 119 -7.47 11.57 -11.06
C LEU A 119 -7.44 10.04 -11.14
N PRO A 120 -6.28 9.44 -11.52
CA PRO A 120 -6.17 7.98 -11.61
C PRO A 120 -6.11 7.29 -10.25
N ALA A 121 -5.61 8.00 -9.24
CA ALA A 121 -5.49 7.46 -7.89
C ALA A 121 -5.67 8.57 -6.86
N PHE A 122 -5.96 8.17 -5.62
CA PHE A 122 -6.15 9.08 -4.51
C PHE A 122 -5.69 8.39 -3.23
N LEU A 123 -4.90 9.10 -2.41
CA LEU A 123 -4.31 8.53 -1.22
C LEU A 123 -5.18 8.83 0.00
N LEU A 124 -5.46 7.80 0.79
CA LEU A 124 -6.11 7.95 2.08
C LEU A 124 -5.30 7.21 3.13
N PRO A 125 -5.09 7.79 4.34
CA PRO A 125 -4.24 7.15 5.35
C PRO A 125 -4.93 6.12 6.25
N LEU A 126 -4.22 5.02 6.52
CA LEU A 126 -4.53 4.13 7.62
C LEU A 126 -3.44 4.28 8.66
N ASN A 127 -3.66 5.18 9.63
CA ASN A 127 -2.67 5.49 10.66
C ASN A 127 -3.22 5.19 12.05
N GLN A 128 -4.28 4.38 12.12
CA GLN A 128 -4.80 3.92 13.41
C GLN A 128 -5.61 2.65 13.19
N GLU A 129 -6.11 2.07 14.29
CA GLU A 129 -6.82 0.80 14.25
C GLU A 129 -8.22 1.00 13.67
N ASP A 130 -9.00 1.90 14.29
CA ASP A 130 -10.39 2.09 13.94
C ASP A 130 -10.51 3.06 12.76
N ASN A 131 -10.81 2.51 11.57
CA ASN A 131 -11.06 3.31 10.38
C ASN A 131 -12.41 2.91 9.80
N THR A 132 -13.40 2.73 10.68
CA THR A 132 -14.69 2.16 10.29
C THR A 132 -15.48 3.21 9.50
N ASN A 133 -15.63 4.39 10.09
CA ASN A 133 -16.42 5.46 9.49
C ASN A 133 -15.73 5.95 8.21
N LEU A 134 -14.38 5.95 8.22
CA LEU A 134 -13.60 6.23 7.04
C LEU A 134 -14.02 5.30 5.91
N ALA A 135 -14.04 4.00 6.20
CA ALA A 135 -14.42 2.98 5.24
C ALA A 135 -15.85 3.21 4.74
N ARG A 136 -16.75 3.53 5.68
CA ARG A 136 -18.16 3.69 5.39
C ARG A 136 -18.38 4.84 4.40
N VAL A 137 -17.60 5.92 4.54
CA VAL A 137 -17.72 7.08 3.68
C VAL A 137 -17.15 6.75 2.30
N LEU A 138 -15.98 6.12 2.27
CA LEU A 138 -15.33 5.77 1.01
C LEU A 138 -16.21 4.83 0.21
N THR A 139 -16.78 3.82 0.89
CA THR A 139 -17.63 2.83 0.24
C THR A 139 -18.84 3.52 -0.38
N ASN A 140 -19.37 4.54 0.31
CA ASN A 140 -20.50 5.31 -0.21
C ASN A 140 -20.09 6.05 -1.47
N HIS A 141 -18.89 6.65 -1.46
CA HIS A 141 -18.38 7.39 -2.59
C HIS A 141 -18.18 6.46 -3.79
N ILE A 142 -17.67 5.25 -3.53
CA ILE A 142 -17.45 4.26 -4.57
C ILE A 142 -18.78 3.90 -5.24
N HIS A 143 -19.84 3.81 -4.43
CA HIS A 143 -21.16 3.45 -4.94
C HIS A 143 -21.95 4.71 -5.30
N THR A 144 -21.25 5.76 -5.75
CA THR A 144 -21.87 6.95 -6.30
C THR A 144 -21.11 7.35 -7.56
N GLY A 145 -21.81 7.36 -8.70
CA GLY A 145 -21.19 7.64 -9.98
C GLY A 145 -20.57 6.37 -10.59
N HIS A 146 -19.85 6.55 -11.70
CA HIS A 146 -19.24 5.44 -12.43
C HIS A 146 -17.76 5.73 -12.66
N HIS A 147 -17.10 6.36 -11.69
CA HIS A 147 -15.68 6.65 -11.77
C HIS A 147 -14.90 5.35 -11.57
N SER A 148 -13.70 5.28 -12.16
CA SER A 148 -12.84 4.11 -12.06
C SER A 148 -11.51 4.46 -11.38
N SER A 149 -11.50 5.58 -10.64
CA SER A 149 -10.31 6.03 -9.95
C SER A 149 -9.93 5.03 -8.85
N MET A 150 -8.64 4.74 -8.74
CA MET A 150 -8.14 3.86 -7.70
C MET A 150 -8.05 4.62 -6.38
N PHE A 151 -7.99 3.88 -5.27
CA PHE A 151 -7.79 4.46 -3.95
C PHE A 151 -6.66 3.72 -3.25
N TRP A 152 -5.52 4.41 -3.10
CA TRP A 152 -4.36 3.85 -2.44
C TRP A 152 -4.40 4.16 -0.94
N MET A 153 -4.45 3.09 -0.13
CA MET A 153 -4.51 3.24 1.32
C MET A 153 -3.08 3.30 1.87
N ARG A 154 -2.74 4.45 2.46
CA ARG A 154 -1.42 4.67 3.02
C ARG A 154 -1.33 3.97 4.37
N VAL A 155 -0.57 2.88 4.42
CA VAL A 155 -0.46 2.05 5.62
C VAL A 155 1.01 1.69 5.83
N PRO A 156 1.58 1.90 7.03
CA PRO A 156 3.00 1.62 7.28
C PRO A 156 3.28 0.16 7.64
N LEU A 157 4.51 -0.29 7.35
CA LEU A 157 4.98 -1.59 7.81
C LEU A 157 4.89 -1.66 9.34
N VAL A 158 5.41 -0.61 9.99
CA VAL A 158 5.44 -0.53 11.45
C VAL A 158 4.67 0.72 11.87
N ALA A 159 3.73 0.55 12.80
CA ALA A 159 2.88 1.63 13.25
C ALA A 159 3.73 2.74 13.87
N PRO A 160 3.29 4.02 13.80
CA PRO A 160 4.08 5.13 14.34
C PRO A 160 4.47 4.96 15.80
N GLU A 161 3.56 4.37 16.59
CA GLU A 161 3.74 4.15 18.01
C GLU A 161 4.87 3.15 18.25
N ASP A 162 5.07 2.22 17.32
CA ASP A 162 5.98 1.09 17.51
C ASP A 162 7.38 1.42 17.01
N LEU A 163 7.57 2.59 16.38
CA LEU A 163 8.88 2.97 15.86
C LEU A 163 9.32 4.31 16.46
N ARG A 164 8.62 4.78 17.51
CA ARG A 164 8.98 6.02 18.16
C ARG A 164 10.26 5.80 18.96
N ASP A 165 11.01 6.89 19.19
CA ASP A 165 12.24 6.85 19.96
C ASP A 165 11.90 6.62 21.43
N ASP A 166 12.71 5.80 22.10
CA ASP A 166 12.52 5.50 23.51
C ASP A 166 13.14 6.61 24.34
N ILE A 167 12.46 7.77 24.37
CA ILE A 167 12.99 8.96 25.00
C ILE A 167 11.94 9.58 25.94
N ILE A 168 10.83 8.87 26.19
CA ILE A 168 9.86 9.30 27.18
C ILE A 168 10.19 8.57 28.48
N GLU A 169 10.28 9.35 29.57
CA GLU A 169 10.78 8.86 30.85
C GLU A 169 9.80 7.87 31.46
N ASN A 170 8.52 8.26 31.51
CA ASN A 170 7.49 7.49 32.20
C ASN A 170 6.61 6.74 31.20
N ALA A 171 7.19 6.34 30.06
CA ALA A 171 6.48 5.57 29.06
C ALA A 171 7.49 4.91 28.12
N PRO A 172 8.18 3.85 28.57
CA PRO A 172 9.19 3.17 27.72
C PRO A 172 8.55 2.33 26.62
N THR A 173 9.31 2.14 25.53
CA THR A 173 8.84 1.39 24.38
C THR A 173 8.78 -0.10 24.73
N THR A 174 7.83 -0.80 24.13
CA THR A 174 7.64 -2.23 24.36
C THR A 174 8.88 -2.98 23.86
N HIS A 175 9.57 -3.64 24.80
CA HIS A 175 10.77 -4.40 24.50
C HIS A 175 10.45 -5.89 24.42
N THR A 176 9.15 -6.23 24.53
CA THR A 176 8.70 -7.61 24.49
C THR A 176 8.42 -7.99 23.04
N GLU A 177 8.62 -9.27 22.72
CA GLU A 177 8.30 -9.80 21.41
C GLU A 177 6.80 -10.14 21.38
N GLU A 178 6.03 -9.31 20.67
CA GLU A 178 4.61 -9.54 20.47
C GLU A 178 4.38 -9.93 19.01
N TYR A 179 4.24 -11.25 18.77
CA TYR A 179 4.15 -11.79 17.43
C TYR A 179 2.93 -11.22 16.72
N SER A 180 1.79 -11.19 17.42
CA SER A 180 0.54 -10.68 16.88
C SER A 180 0.57 -9.15 16.84
N GLY A 181 1.17 -8.53 17.85
CA GLY A 181 1.20 -7.09 18.00
C GLY A 181 2.04 -6.40 16.92
N GLU A 182 3.06 -7.10 16.40
CA GLU A 182 3.94 -6.56 15.39
C GLU A 182 3.32 -6.68 13.99
N GLU A 183 2.14 -7.32 13.90
CA GLU A 183 1.42 -7.47 12.65
C GLU A 183 0.16 -6.61 12.64
N LYS A 184 0.16 -5.52 13.42
CA LYS A 184 -1.07 -4.78 13.67
C LYS A 184 -1.47 -3.97 12.43
N THR A 185 -0.49 -3.48 11.66
CA THR A 185 -0.76 -2.60 10.54
C THR A 185 -1.44 -3.36 9.41
N TRP A 186 -1.19 -4.67 9.34
CA TRP A 186 -1.89 -5.53 8.40
C TRP A 186 -3.34 -5.70 8.81
N MET A 187 -3.59 -5.83 10.12
N MET A 187 -3.58 -5.82 10.12
CA MET A 187 -4.94 -5.98 10.65
CA MET A 187 -4.92 -5.98 10.69
C MET A 187 -5.72 -4.69 10.46
C MET A 187 -5.72 -4.69 10.49
N TRP A 188 -5.02 -3.55 10.42
CA TRP A 188 -5.64 -2.27 10.08
C TRP A 188 -6.19 -2.35 8.66
N TRP A 189 -5.36 -2.81 7.73
CA TRP A 189 -5.70 -2.95 6.33
C TRP A 189 -6.81 -3.98 6.15
N HIS A 190 -6.65 -5.15 6.80
CA HIS A 190 -7.54 -6.27 6.61
C HIS A 190 -8.98 -5.88 6.97
N ASN A 191 -9.14 -5.18 8.10
CA ASN A 191 -10.46 -4.79 8.57
C ASN A 191 -11.08 -3.78 7.61
N PHE A 192 -10.26 -2.85 7.11
CA PHE A 192 -10.73 -1.79 6.23
C PHE A 192 -11.28 -2.38 4.93
N ARG A 193 -10.50 -3.28 4.31
CA ARG A 193 -10.86 -3.83 3.02
C ARG A 193 -11.99 -4.84 3.15
N THR A 194 -12.16 -5.42 4.34
CA THR A 194 -13.26 -6.35 4.60
C THR A 194 -14.55 -5.56 4.74
N LEU A 195 -14.50 -4.44 5.47
CA LEU A 195 -15.64 -3.54 5.61
C LEU A 195 -16.09 -3.05 4.24
N CYS A 196 -15.13 -2.73 3.36
CA CYS A 196 -15.41 -2.21 2.04
C CYS A 196 -15.73 -3.34 1.06
N ASP A 197 -15.57 -4.58 1.52
CA ASP A 197 -16.05 -5.77 0.82
C ASP A 197 -15.19 -6.03 -0.40
N TYR A 198 -13.87 -6.00 -0.21
CA TYR A 198 -12.90 -6.34 -1.24
C TYR A 198 -13.21 -5.57 -2.52
N SER A 199 -13.24 -4.24 -2.43
CA SER A 199 -13.38 -3.40 -3.60
C SER A 199 -12.09 -3.44 -4.42
N LYS A 200 -12.23 -3.62 -5.73
CA LYS A 200 -11.09 -3.70 -6.63
C LYS A 200 -10.47 -2.31 -6.82
N ARG A 201 -11.20 -1.27 -6.40
CA ARG A 201 -10.73 0.10 -6.51
C ARG A 201 -9.79 0.44 -5.36
N ILE A 202 -9.82 -0.37 -4.28
CA ILE A 202 -9.05 -0.08 -3.08
C ILE A 202 -7.79 -0.95 -3.08
N ALA A 203 -6.62 -0.29 -2.97
CA ALA A 203 -5.34 -0.96 -2.98
C ALA A 203 -4.44 -0.38 -1.89
N VAL A 204 -3.23 -0.94 -1.75
CA VAL A 204 -2.33 -0.61 -0.66
C VAL A 204 -1.18 0.24 -1.17
N ALA A 205 -0.85 1.28 -0.40
CA ALA A 205 0.40 2.03 -0.56
C ALA A 205 1.25 1.82 0.69
N LEU A 206 2.13 0.80 0.62
CA LEU A 206 2.89 0.35 1.77
C LEU A 206 4.05 1.30 2.03
N GLU A 207 4.05 1.94 3.21
CA GLU A 207 5.06 2.90 3.59
C GLU A 207 6.17 2.18 4.35
N ILE A 208 7.40 2.28 3.84
CA ILE A 208 8.55 1.57 4.39
C ILE A 208 9.20 2.44 5.46
N GLY A 209 9.56 1.82 6.59
CA GLY A 209 10.13 2.52 7.72
C GLY A 209 11.66 2.43 7.73
N ALA A 210 12.28 3.12 8.70
CA ALA A 210 13.72 3.11 8.87
C ALA A 210 14.18 1.72 9.31
N ASP A 211 13.60 1.24 10.43
CA ASP A 211 13.83 -0.12 10.89
C ASP A 211 12.73 -1.03 10.35
N LEU A 212 13.11 -1.99 9.50
CA LEU A 212 12.17 -2.97 8.99
C LEU A 212 11.77 -3.90 10.13
N PRO A 213 10.52 -4.40 10.15
CA PRO A 213 10.08 -5.34 11.20
C PRO A 213 10.64 -6.74 10.95
N SER A 214 10.20 -7.70 11.78
CA SER A 214 10.55 -9.09 11.61
C SER A 214 10.10 -9.59 10.25
N ASN A 215 10.63 -10.75 9.84
CA ASN A 215 10.42 -11.27 8.50
C ASN A 215 8.96 -11.66 8.31
N HIS A 216 8.32 -12.18 9.37
CA HIS A 216 6.94 -12.62 9.32
C HIS A 216 6.02 -11.44 9.04
N VAL A 217 6.36 -10.26 9.58
CA VAL A 217 5.55 -9.06 9.43
C VAL A 217 5.53 -8.63 7.96
N ILE A 218 6.65 -8.87 7.25
CA ILE A 218 6.78 -8.51 5.85
C ILE A 218 6.08 -9.55 4.98
N ASP A 219 6.17 -10.83 5.39
CA ASP A 219 5.51 -11.91 4.68
C ASP A 219 3.99 -11.75 4.74
N ARG A 220 3.51 -11.03 5.77
CA ARG A 220 2.10 -10.75 5.96
C ARG A 220 1.51 -10.10 4.71
N TRP A 221 2.30 -9.25 4.04
CA TRP A 221 1.84 -8.44 2.92
C TRP A 221 1.95 -9.17 1.59
N LEU A 222 2.34 -10.44 1.61
CA LEU A 222 2.34 -11.27 0.42
C LEU A 222 0.89 -11.60 0.06
N GLY A 223 0.55 -11.42 -1.23
CA GLY A 223 -0.78 -11.73 -1.73
C GLY A 223 -1.78 -10.61 -1.44
N GLU A 224 -1.26 -9.42 -1.09
CA GLU A 224 -2.09 -8.25 -0.88
C GLU A 224 -1.94 -7.31 -2.08
N PRO A 225 -2.96 -6.49 -2.40
CA PRO A 225 -2.89 -5.59 -3.56
C PRO A 225 -2.03 -4.36 -3.28
N ILE A 226 -0.70 -4.56 -3.35
CA ILE A 226 0.26 -3.48 -3.18
C ILE A 226 0.49 -2.83 -4.55
N LYS A 227 0.06 -1.58 -4.69
CA LYS A 227 0.25 -0.83 -5.92
C LYS A 227 1.43 0.14 -5.79
N ALA A 228 1.56 0.74 -4.60
CA ALA A 228 2.63 1.70 -4.34
C ALA A 228 3.54 1.21 -3.22
N ALA A 229 4.75 1.78 -3.16
CA ALA A 229 5.69 1.52 -2.10
C ALA A 229 6.40 2.82 -1.74
N ILE A 230 5.90 3.50 -0.69
CA ILE A 230 6.38 4.81 -0.31
C ILE A 230 7.73 4.66 0.41
N LEU A 231 8.72 5.42 -0.05
CA LEU A 231 10.08 5.39 0.50
C LEU A 231 10.42 6.78 1.03
N PRO A 232 10.46 7.00 2.36
CA PRO A 232 10.98 8.25 2.91
C PRO A 232 12.44 8.45 2.56
N THR A 233 12.89 9.71 2.57
CA THR A 233 14.29 10.05 2.29
C THR A 233 15.14 9.72 3.51
N SER A 234 14.51 9.61 4.69
CA SER A 234 15.21 9.44 5.95
C SER A 234 15.80 8.04 6.10
N ILE A 235 15.27 7.07 5.34
CA ILE A 235 15.70 5.68 5.47
C ILE A 235 16.98 5.44 4.68
N PHE A 236 17.36 6.40 3.83
CA PHE A 236 18.52 6.24 2.96
C PHE A 236 19.81 6.50 3.75
N LEU A 237 20.75 5.55 3.64
CA LEU A 237 22.09 5.72 4.18
C LEU A 237 22.93 6.53 3.20
N THR A 238 24.15 6.88 3.61
CA THR A 238 25.08 7.61 2.77
C THR A 238 26.35 6.78 2.59
N ASN A 239 26.85 6.72 1.35
CA ASN A 239 28.02 5.92 1.01
C ASN A 239 29.27 6.79 1.11
N LYS A 240 30.42 6.22 0.74
CA LYS A 240 31.70 6.90 0.81
C LYS A 240 31.71 8.10 -0.15
N LYS A 241 31.09 7.95 -1.32
CA LYS A 241 31.01 9.01 -2.32
C LYS A 241 30.23 10.19 -1.75
N GLY A 242 29.15 9.90 -1.00
CA GLY A 242 28.32 10.91 -0.38
C GLY A 242 26.99 11.07 -1.11
N PHE A 243 26.38 9.94 -1.47
CA PHE A 243 25.12 9.90 -2.20
C PHE A 243 24.19 8.89 -1.53
N PRO A 244 22.85 9.02 -1.70
CA PRO A 244 21.90 8.14 -1.02
C PRO A 244 21.99 6.67 -1.45
N VAL A 245 21.93 5.78 -0.46
CA VAL A 245 21.87 4.33 -0.70
C VAL A 245 20.96 3.73 0.36
N LEU A 246 20.70 2.41 0.23
CA LEU A 246 19.88 1.68 1.18
C LEU A 246 20.68 0.53 1.76
N SER A 247 20.18 -0.05 2.86
CA SER A 247 20.82 -1.18 3.52
C SER A 247 20.58 -2.45 2.71
N LYS A 248 21.30 -3.52 3.07
CA LYS A 248 21.14 -4.83 2.45
C LYS A 248 19.78 -5.40 2.79
N MET A 249 19.24 -5.02 3.95
CA MET A 249 17.90 -5.41 4.37
C MET A 249 16.86 -4.79 3.44
N HIS A 250 17.01 -3.48 3.20
CA HIS A 250 16.07 -2.74 2.37
C HIS A 250 16.24 -3.12 0.89
N GLN A 251 17.46 -3.48 0.50
CA GLN A 251 17.75 -3.88 -0.88
C GLN A 251 16.96 -5.13 -1.25
N ARG A 252 16.91 -6.10 -0.32
CA ARG A 252 16.21 -7.35 -0.53
C ARG A 252 14.71 -7.11 -0.65
N LEU A 253 14.20 -6.11 0.09
CA LEU A 253 12.79 -5.75 0.06
C LEU A 253 12.43 -5.12 -1.28
N ILE A 254 13.29 -4.21 -1.75
CA ILE A 254 13.06 -3.52 -3.01
C ILE A 254 13.14 -4.53 -4.15
N PHE A 255 14.02 -5.54 -4.02
CA PHE A 255 14.16 -6.59 -5.01
C PHE A 255 12.87 -7.40 -5.08
N ARG A 256 12.25 -7.65 -3.92
CA ARG A 256 10.96 -8.34 -3.85
C ARG A 256 9.86 -7.49 -4.47
N LEU A 257 9.87 -6.18 -4.19
CA LEU A 257 8.82 -5.27 -4.62
C LEU A 257 8.86 -5.09 -6.14
N LEU A 258 10.05 -5.21 -6.74
CA LEU A 258 10.22 -5.05 -8.17
C LEU A 258 9.58 -6.21 -8.94
N LYS A 259 9.50 -7.39 -8.30
CA LYS A 259 8.86 -8.55 -8.90
C LYS A 259 7.35 -8.32 -9.01
N LEU A 260 6.77 -7.69 -7.97
CA LEU A 260 5.36 -7.36 -7.96
C LEU A 260 5.04 -6.24 -8.96
N GLU A 261 6.08 -5.49 -9.36
CA GLU A 261 5.91 -4.35 -10.26
C GLU A 261 5.01 -3.32 -9.58
N VAL A 262 5.55 -2.67 -8.54
CA VAL A 262 4.86 -1.60 -7.85
C VAL A 262 5.49 -0.27 -8.27
N GLN A 263 4.81 0.84 -7.93
CA GLN A 263 5.29 2.17 -8.26
C GLN A 263 5.87 2.81 -7.00
N PHE A 264 7.18 3.07 -7.03
CA PHE A 264 7.90 3.56 -5.87
C PHE A 264 7.71 5.07 -5.77
N ILE A 265 7.17 5.52 -4.63
CA ILE A 265 6.98 6.93 -4.36
C ILE A 265 8.06 7.39 -3.40
N ILE A 266 8.60 8.59 -3.64
CA ILE A 266 9.58 9.21 -2.76
C ILE A 266 8.88 10.32 -1.98
N THR A 267 9.08 10.33 -0.65
CA THR A 267 8.47 11.33 0.22
C THR A 267 9.54 11.89 1.15
N GLY A 268 9.32 13.11 1.62
CA GLY A 268 10.21 13.77 2.57
C GLY A 268 11.18 14.72 1.87
N THR A 269 11.86 15.54 2.67
CA THR A 269 12.75 16.57 2.16
C THR A 269 14.08 15.94 1.75
N ASN A 270 14.92 16.76 1.11
CA ASN A 270 16.23 16.32 0.63
C ASN A 270 17.24 16.40 1.76
N HIS A 271 17.50 15.26 2.41
CA HIS A 271 18.49 15.18 3.47
C HIS A 271 19.89 15.21 2.87
N HIS A 272 20.04 14.61 1.68
CA HIS A 272 21.27 14.70 0.90
C HIS A 272 21.24 16.00 0.10
N SER A 273 21.48 17.12 0.79
CA SER A 273 21.33 18.45 0.22
C SER A 273 22.42 18.73 -0.82
N GLU A 274 23.59 18.09 -0.66
CA GLU A 274 24.72 18.30 -1.56
C GLU A 274 24.37 17.84 -2.97
N LYS A 275 23.74 16.66 -3.08
CA LYS A 275 23.40 16.07 -4.36
C LYS A 275 22.01 16.53 -4.80
N GLU A 276 21.62 16.13 -6.01
CA GLU A 276 20.28 16.40 -6.54
C GLU A 276 19.28 15.42 -5.92
N PHE A 277 17.99 15.65 -6.22
CA PHE A 277 16.92 14.80 -5.73
C PHE A 277 16.74 13.59 -6.65
N CYS A 278 17.36 13.65 -7.84
CA CYS A 278 17.32 12.56 -8.81
C CYS A 278 18.05 11.34 -8.26
N SER A 279 19.09 11.58 -7.45
CA SER A 279 19.94 10.54 -6.90
C SER A 279 19.11 9.40 -6.29
N TYR A 280 18.07 9.76 -5.52
CA TYR A 280 17.20 8.78 -4.89
C TYR A 280 16.61 7.86 -5.97
N LEU A 281 16.02 8.48 -7.00
CA LEU A 281 15.39 7.74 -8.08
C LEU A 281 16.44 6.94 -8.85
N GLN A 282 17.62 7.56 -9.07
CA GLN A 282 18.70 6.91 -9.80
C GLN A 282 19.13 5.63 -9.10
N TYR A 283 19.01 5.60 -7.76
CA TYR A 283 19.40 4.43 -7.00
C TYR A 283 18.39 3.30 -7.22
N LEU A 284 17.10 3.65 -7.32
CA LEU A 284 16.06 2.68 -7.60
C LEU A 284 16.24 2.12 -9.00
N GLU A 285 16.66 2.99 -9.93
CA GLU A 285 17.01 2.58 -11.29
C GLU A 285 18.23 1.63 -11.22
N TYR A 286 19.23 2.02 -10.43
CA TYR A 286 20.43 1.22 -10.24
C TYR A 286 20.05 -0.19 -9.78
N LEU A 287 19.11 -0.27 -8.84
CA LEU A 287 18.62 -1.54 -8.32
C LEU A 287 17.83 -2.28 -9.41
N SER A 288 17.02 -1.53 -10.16
CA SER A 288 16.15 -2.10 -11.19
C SER A 288 16.98 -2.85 -12.23
N GLN A 289 18.08 -2.23 -12.68
CA GLN A 289 18.95 -2.83 -13.69
C GLN A 289 19.71 -4.01 -13.07
N ASN A 290 20.11 -3.86 -11.80
CA ASN A 290 20.88 -4.87 -11.10
C ASN A 290 19.95 -5.84 -10.39
N ARG A 291 19.35 -6.75 -11.15
CA ARG A 291 18.54 -7.83 -10.61
C ARG A 291 18.86 -9.10 -11.40
N PRO A 292 18.50 -10.31 -10.90
CA PRO A 292 18.61 -11.53 -11.70
C PRO A 292 17.63 -11.47 -12.86
N PRO A 293 18.10 -11.55 -14.13
CA PRO A 293 17.22 -11.37 -15.29
C PRO A 293 16.21 -12.50 -15.45
N PRO A 294 15.10 -12.28 -16.19
CA PRO A 294 14.05 -13.29 -16.33
C PRO A 294 14.50 -14.51 -17.11
N ASN A 295 14.26 -15.70 -16.54
CA ASN A 295 14.56 -16.96 -17.21
C ASN A 295 13.52 -17.20 -18.30
N ALA A 296 13.64 -18.34 -19.00
CA ALA A 296 12.71 -18.73 -20.05
C ALA A 296 11.28 -18.75 -19.53
N TYR A 297 11.10 -19.18 -18.28
CA TYR A 297 9.79 -19.27 -17.66
C TYR A 297 9.20 -17.88 -17.50
N GLU A 298 9.96 -16.99 -16.83
CA GLU A 298 9.47 -15.68 -16.44
C GLU A 298 9.44 -14.72 -17.63
N LEU A 299 10.19 -15.05 -18.69
CA LEU A 299 10.19 -14.26 -19.92
C LEU A 299 8.85 -14.43 -20.63
N PHE A 300 8.44 -15.69 -20.80
CA PHE A 300 7.22 -16.03 -21.53
C PHE A 300 5.98 -15.74 -20.67
N ALA A 301 6.11 -15.92 -19.36
CA ALA A 301 5.01 -15.75 -18.43
C ALA A 301 4.65 -14.27 -18.27
N LYS A 302 5.63 -13.38 -18.52
CA LYS A 302 5.42 -11.95 -18.41
C LYS A 302 4.22 -11.53 -19.25
N GLY A 303 3.08 -11.30 -18.59
CA GLY A 303 1.84 -10.94 -19.25
C GLY A 303 0.62 -11.60 -18.59
N TYR A 304 0.82 -12.84 -18.12
CA TYR A 304 -0.26 -13.67 -17.60
C TYR A 304 -0.22 -13.75 -16.08
N GLU A 305 0.38 -12.74 -15.43
CA GLU A 305 0.50 -12.72 -13.98
C GLU A 305 -0.90 -12.62 -13.37
N ASP A 306 -1.31 -13.70 -12.69
CA ASP A 306 -2.58 -13.77 -11.98
C ASP A 306 -3.74 -13.55 -12.95
N TYR A 307 -3.64 -14.16 -14.13
CA TYR A 307 -4.72 -14.13 -15.12
C TYR A 307 -5.43 -15.47 -15.11
N LEU A 308 -6.73 -15.44 -14.82
CA LEU A 308 -7.53 -16.65 -14.69
C LEU A 308 -7.94 -17.14 -16.08
N GLN A 309 -7.71 -18.44 -16.32
CA GLN A 309 -8.12 -19.09 -17.56
C GLN A 309 -8.75 -20.43 -17.21
N SER A 310 -9.73 -20.84 -18.01
CA SER A 310 -10.44 -22.09 -17.80
C SER A 310 -9.54 -23.25 -18.17
N PRO A 311 -9.49 -24.35 -17.39
CA PRO A 311 -8.70 -25.53 -17.73
C PRO A 311 -9.14 -26.15 -19.07
N LEU A 312 -8.16 -26.52 -19.89
CA LEU A 312 -8.41 -27.11 -21.20
C LEU A 312 -9.03 -28.49 -21.01
N GLN A 313 -9.95 -28.86 -21.90
CA GLN A 313 -10.50 -30.21 -21.95
C GLN A 313 -10.35 -30.75 -23.37
N PRO A 314 -9.15 -31.25 -23.74
CA PRO A 314 -8.92 -31.84 -25.06
C PRO A 314 -9.79 -33.04 -25.43
N LEU A 315 -10.38 -33.71 -24.42
CA LEU A 315 -11.29 -34.81 -24.67
C LEU A 315 -12.63 -34.26 -25.16
N MET A 316 -13.26 -33.41 -24.34
CA MET A 316 -14.59 -32.89 -24.62
C MET A 316 -14.52 -31.95 -25.82
N ASP A 317 -13.56 -31.01 -25.80
CA ASP A 317 -13.39 -30.04 -26.87
C ASP A 317 -12.35 -30.57 -27.87
N ASN A 318 -12.34 -29.96 -29.06
CA ASN A 318 -11.28 -30.14 -30.02
C ASN A 318 -10.37 -28.91 -29.98
N LEU A 319 -9.09 -29.13 -29.67
CA LEU A 319 -8.14 -28.04 -29.51
C LEU A 319 -7.88 -27.38 -30.86
N GLU A 320 -7.61 -26.08 -30.83
CA GLU A 320 -7.33 -25.30 -32.03
C GLU A 320 -5.89 -25.56 -32.46
N SER A 321 -5.55 -25.06 -33.67
CA SER A 321 -4.23 -25.21 -34.24
C SER A 321 -3.17 -24.56 -33.34
N GLN A 322 -3.46 -23.33 -32.89
CA GLN A 322 -2.51 -22.52 -32.15
C GLN A 322 -2.40 -23.00 -30.70
N THR A 323 -3.36 -23.81 -30.24
CA THR A 323 -3.28 -24.45 -28.93
C THR A 323 -2.26 -25.59 -29.00
N TYR A 324 -2.24 -26.32 -30.12
CA TYR A 324 -1.25 -27.36 -30.34
C TYR A 324 0.12 -26.74 -30.59
N GLU A 325 0.13 -25.55 -31.21
CA GLU A 325 1.37 -24.86 -31.56
C GLU A 325 2.18 -24.57 -30.30
N VAL A 326 1.50 -24.04 -29.27
CA VAL A 326 2.17 -23.60 -28.06
C VAL A 326 2.59 -24.80 -27.22
N PHE A 327 1.86 -25.92 -27.34
CA PHE A 327 2.27 -27.17 -26.72
C PHE A 327 3.62 -27.60 -27.30
N GLU A 328 3.74 -27.48 -28.63
CA GLU A 328 4.91 -27.94 -29.37
C GLU A 328 6.11 -27.03 -29.14
N LYS A 329 5.86 -25.81 -28.63
CA LYS A 329 6.90 -24.81 -28.44
C LYS A 329 7.62 -24.99 -27.11
N ASP A 330 7.50 -26.18 -26.49
CA ASP A 330 8.25 -26.51 -25.29
C ASP A 330 9.12 -27.74 -25.58
N PRO A 331 10.41 -27.53 -25.95
CA PRO A 331 11.28 -28.65 -26.31
C PRO A 331 11.73 -29.53 -25.14
N ILE A 332 11.61 -28.99 -23.91
CA ILE A 332 12.07 -29.67 -22.71
C ILE A 332 11.18 -30.88 -22.46
N LYS A 333 9.87 -30.70 -22.61
CA LYS A 333 8.89 -31.75 -22.35
C LYS A 333 9.16 -32.96 -23.25
N TYR A 334 9.31 -32.71 -24.55
CA TYR A 334 9.37 -33.78 -25.54
C TYR A 334 10.73 -34.46 -25.48
N SER A 335 11.77 -33.71 -25.11
CA SER A 335 13.10 -34.28 -24.92
C SER A 335 13.07 -35.32 -23.79
N GLN A 336 12.25 -35.06 -22.77
CA GLN A 336 12.05 -36.00 -21.67
C GLN A 336 11.26 -37.21 -22.15
N TYR A 337 10.25 -36.97 -23.01
CA TYR A 337 9.51 -38.06 -23.62
C TYR A 337 10.43 -38.88 -24.52
N GLN A 338 11.28 -38.19 -25.29
CA GLN A 338 12.23 -38.83 -26.18
C GLN A 338 13.15 -39.75 -25.37
N GLN A 339 13.71 -39.20 -24.29
CA GLN A 339 14.63 -39.92 -23.43
C GLN A 339 13.92 -41.09 -22.74
N ALA A 340 12.65 -40.88 -22.37
CA ALA A 340 11.87 -41.87 -21.65
C ALA A 340 11.64 -43.11 -22.53
N ILE A 341 11.28 -42.88 -23.79
CA ILE A 341 11.03 -43.95 -24.74
C ILE A 341 12.36 -44.63 -25.08
N TYR A 342 13.38 -43.80 -25.35
CA TYR A 342 14.74 -44.27 -25.63
C TYR A 342 15.14 -45.34 -24.62
N LYS A 343 15.00 -45.04 -23.32
CA LYS A 343 15.42 -45.93 -22.27
C LYS A 343 14.59 -47.22 -22.29
N CYS A 344 13.28 -47.08 -22.51
CA CYS A 344 12.36 -48.22 -22.47
C CYS A 344 12.66 -49.19 -23.61
N LEU A 345 13.07 -48.67 -24.77
CA LEU A 345 13.39 -49.49 -25.93
C LEU A 345 14.58 -50.39 -25.61
N LEU A 346 15.61 -49.81 -24.97
CA LEU A 346 16.83 -50.52 -24.65
C LEU A 346 16.56 -51.61 -23.61
N ASP A 347 15.61 -51.37 -22.70
CA ASP A 347 15.28 -52.31 -21.65
C ASP A 347 14.53 -53.52 -22.22
N ARG A 348 13.55 -53.25 -23.10
CA ARG A 348 12.68 -54.29 -23.62
C ARG A 348 13.41 -55.09 -24.69
N VAL A 349 14.17 -54.40 -25.56
CA VAL A 349 14.86 -55.03 -26.67
C VAL A 349 16.35 -55.10 -26.36
N PRO A 350 16.95 -56.31 -26.27
CA PRO A 350 18.39 -56.44 -26.06
C PRO A 350 19.19 -56.17 -27.34
N GLU A 351 20.52 -56.28 -27.24
CA GLU A 351 21.41 -55.94 -28.34
C GLU A 351 21.40 -57.04 -29.40
N GLU A 352 21.25 -58.29 -28.97
CA GLU A 352 21.29 -59.44 -29.88
C GLU A 352 20.00 -59.50 -30.69
N GLU A 353 18.90 -58.93 -30.17
CA GLU A 353 17.62 -58.90 -30.86
C GLU A 353 17.34 -57.49 -31.37
N LYS A 354 18.34 -56.86 -32.00
CA LYS A 354 18.25 -55.48 -32.44
C LYS A 354 17.35 -55.39 -33.67
N ASP A 355 17.61 -56.25 -34.66
CA ASP A 355 16.92 -56.18 -35.95
C ASP A 355 15.96 -57.36 -36.13
N THR A 356 15.69 -58.09 -35.04
CA THR A 356 14.69 -59.16 -35.06
C THR A 356 13.37 -58.63 -34.52
N ASN A 357 13.44 -57.92 -33.38
CA ASN A 357 12.26 -57.45 -32.67
C ASN A 357 11.91 -56.04 -33.13
N VAL A 358 10.63 -55.84 -33.48
CA VAL A 358 10.10 -54.52 -33.80
C VAL A 358 9.05 -54.19 -32.74
N GLN A 359 9.31 -53.14 -31.96
CA GLN A 359 8.43 -52.75 -30.87
C GLN A 359 7.22 -52.01 -31.43
N VAL A 360 6.03 -52.35 -30.91
CA VAL A 360 4.78 -51.73 -31.32
C VAL A 360 4.47 -50.57 -30.38
N LEU A 361 4.74 -49.34 -30.83
CA LEU A 361 4.39 -48.14 -30.10
C LEU A 361 3.03 -47.65 -30.56
N MET A 362 2.31 -46.96 -29.65
CA MET A 362 0.99 -46.42 -29.93
C MET A 362 0.81 -45.09 -29.20
N VAL A 363 0.95 -43.99 -29.94
CA VAL A 363 0.72 -42.67 -29.38
C VAL A 363 -0.79 -42.45 -29.27
N LEU A 364 -1.29 -42.40 -28.03
CA LEU A 364 -2.71 -42.26 -27.77
C LEU A 364 -3.02 -40.79 -27.48
N GLY A 365 -3.48 -40.08 -28.51
CA GLY A 365 -3.65 -38.64 -28.47
C GLY A 365 -2.47 -37.93 -29.11
N ALA A 366 -2.34 -38.11 -30.44
CA ALA A 366 -1.13 -37.75 -31.16
C ALA A 366 -1.06 -36.24 -31.42
N GLY A 367 -2.22 -35.56 -31.47
CA GLY A 367 -2.26 -34.15 -31.76
C GLY A 367 -1.73 -33.87 -33.16
N ARG A 368 -0.77 -32.95 -33.27
CA ARG A 368 -0.10 -32.67 -34.53
C ARG A 368 1.19 -33.49 -34.64
N GLY A 369 1.40 -34.41 -33.70
CA GLY A 369 2.42 -35.45 -33.81
C GLY A 369 3.81 -34.99 -33.36
N PRO A 370 3.97 -34.38 -32.16
CA PRO A 370 5.30 -34.19 -31.58
C PRO A 370 5.85 -35.46 -30.94
N LEU A 371 4.96 -36.26 -30.33
CA LEU A 371 5.34 -37.50 -29.68
C LEU A 371 5.73 -38.54 -30.73
N VAL A 372 5.08 -38.48 -31.90
CA VAL A 372 5.39 -39.37 -33.00
C VAL A 372 6.81 -39.07 -33.47
N ASN A 373 7.12 -37.78 -33.68
CA ASN A 373 8.47 -37.35 -34.05
C ASN A 373 9.46 -37.79 -32.98
N ALA A 374 9.12 -37.55 -31.71
CA ALA A 374 9.99 -37.90 -30.59
C ALA A 374 10.24 -39.41 -30.56
N SER A 375 9.21 -40.20 -30.87
CA SER A 375 9.31 -41.65 -30.89
C SER A 375 10.25 -42.11 -32.01
N LEU A 376 10.29 -41.36 -33.11
CA LEU A 376 11.19 -41.64 -34.22
C LEU A 376 12.63 -41.34 -33.79
N ARG A 377 12.84 -40.17 -33.18
CA ARG A 377 14.17 -39.77 -32.72
C ARG A 377 14.69 -40.76 -31.69
N ALA A 378 13.82 -41.16 -30.76
CA ALA A 378 14.19 -42.07 -29.67
C ALA A 378 14.63 -43.42 -30.21
N ALA A 379 13.97 -43.88 -31.29
CA ALA A 379 14.28 -45.16 -31.90
C ALA A 379 15.63 -45.09 -32.63
N LYS A 380 15.95 -43.93 -33.20
CA LYS A 380 17.15 -43.75 -34.00
C LYS A 380 18.39 -43.67 -33.11
N GLN A 381 18.29 -42.90 -32.01
CA GLN A 381 19.40 -42.77 -31.08
C GLN A 381 19.64 -44.11 -30.37
N ALA A 382 18.55 -44.84 -30.11
CA ALA A 382 18.63 -46.17 -29.51
C ALA A 382 19.09 -47.20 -30.55
N ASP A 383 18.71 -46.96 -31.82
CA ASP A 383 19.01 -47.85 -32.92
C ASP A 383 18.19 -49.13 -32.75
N ARG A 384 16.86 -48.97 -32.69
CA ARG A 384 15.92 -50.07 -32.54
C ARG A 384 14.75 -49.87 -33.48
N ARG A 385 14.12 -50.98 -33.88
CA ARG A 385 13.01 -50.95 -34.83
C ARG A 385 11.69 -50.74 -34.08
N ILE A 386 10.84 -49.87 -34.63
CA ILE A 386 9.55 -49.55 -34.02
C ILE A 386 8.46 -49.53 -35.08
N LYS A 387 7.23 -49.85 -34.64
CA LYS A 387 6.04 -49.72 -35.47
C LYS A 387 5.06 -48.79 -34.76
N LEU A 388 4.76 -47.65 -35.40
CA LEU A 388 4.01 -46.58 -34.76
C LEU A 388 2.56 -46.58 -35.23
N TYR A 389 1.65 -46.41 -34.26
CA TYR A 389 0.30 -45.95 -34.52
C TYR A 389 0.20 -44.52 -33.98
N ALA A 390 -0.78 -43.77 -34.49
CA ALA A 390 -1.00 -42.39 -34.07
C ALA A 390 -2.49 -42.15 -33.89
N VAL A 391 -3.02 -42.58 -32.74
CA VAL A 391 -4.44 -42.48 -32.45
C VAL A 391 -4.75 -41.03 -32.05
N GLU A 392 -5.81 -40.47 -32.65
CA GLU A 392 -6.24 -39.11 -32.37
C GLU A 392 -7.72 -38.97 -32.73
N LYS A 393 -8.51 -38.45 -31.78
CA LYS A 393 -9.95 -38.36 -31.93
C LYS A 393 -10.31 -37.05 -32.64
N ASN A 394 -9.57 -35.98 -32.35
CA ASN A 394 -9.80 -34.67 -32.96
C ASN A 394 -9.55 -34.78 -34.47
N PRO A 395 -10.59 -34.68 -35.32
CA PRO A 395 -10.42 -34.87 -36.76
C PRO A 395 -9.68 -33.74 -37.47
N ASN A 396 -9.62 -32.57 -36.82
CA ASN A 396 -8.94 -31.41 -37.37
C ASN A 396 -7.42 -31.63 -37.31
N ALA A 397 -6.97 -32.24 -36.20
CA ALA A 397 -5.56 -32.55 -36.02
C ALA A 397 -5.13 -33.70 -36.95
N VAL A 398 -6.04 -34.66 -37.14
CA VAL A 398 -5.78 -35.82 -37.98
C VAL A 398 -5.40 -35.38 -39.38
N VAL A 399 -5.94 -34.24 -39.84
CA VAL A 399 -5.60 -33.70 -41.15
C VAL A 399 -4.11 -33.37 -41.18
N THR A 400 -3.59 -32.80 -40.08
CA THR A 400 -2.17 -32.47 -39.99
C THR A 400 -1.34 -33.74 -40.00
N LEU A 401 -1.77 -34.75 -39.22
CA LEU A 401 -1.04 -36.00 -39.07
C LEU A 401 -0.88 -36.68 -40.42
N GLU A 402 -1.97 -36.75 -41.20
CA GLU A 402 -1.99 -37.49 -42.46
C GLU A 402 -1.14 -36.78 -43.50
N ASN A 403 -1.12 -35.44 -43.47
CA ASN A 403 -0.29 -34.66 -44.39
C ASN A 403 1.19 -34.86 -44.06
N TRP A 404 1.51 -34.87 -42.76
CA TRP A 404 2.85 -35.23 -42.30
C TRP A 404 3.18 -36.66 -42.70
N GLN A 405 2.24 -37.58 -42.46
CA GLN A 405 2.47 -39.01 -42.66
C GLN A 405 2.76 -39.29 -44.13
N PHE A 406 2.01 -38.64 -45.02
CA PHE A 406 2.16 -38.84 -46.46
C PHE A 406 3.52 -38.30 -46.91
N GLU A 407 3.88 -37.11 -46.42
CA GLU A 407 5.07 -36.42 -46.89
C GLU A 407 6.34 -36.98 -46.23
N GLU A 408 6.29 -37.18 -44.90
CA GLU A 408 7.50 -37.39 -44.12
C GLU A 408 7.60 -38.83 -43.62
N TRP A 409 6.65 -39.25 -42.76
CA TRP A 409 6.79 -40.48 -42.00
C TRP A 409 6.72 -41.70 -42.92
N GLY A 410 5.56 -41.91 -43.55
CA GLY A 410 5.34 -43.06 -44.41
C GLY A 410 4.49 -44.13 -43.72
N SER A 411 4.68 -45.38 -44.14
CA SER A 411 3.83 -46.49 -43.73
C SER A 411 4.23 -47.02 -42.34
N GLN A 412 5.35 -46.54 -41.80
CA GLN A 412 5.78 -46.91 -40.46
C GLN A 412 4.77 -46.38 -39.44
N VAL A 413 4.28 -45.15 -39.68
CA VAL A 413 3.26 -44.54 -38.84
C VAL A 413 1.89 -44.79 -39.46
N THR A 414 0.99 -45.38 -38.68
CA THR A 414 -0.38 -45.64 -39.10
C THR A 414 -1.31 -44.69 -38.34
N VAL A 415 -1.78 -43.64 -39.04
CA VAL A 415 -2.66 -42.65 -38.44
C VAL A 415 -4.04 -43.25 -38.26
N VAL A 416 -4.53 -43.26 -37.01
CA VAL A 416 -5.86 -43.75 -36.68
C VAL A 416 -6.71 -42.57 -36.21
N SER A 417 -7.85 -42.37 -36.87
CA SER A 417 -8.77 -41.30 -36.52
C SER A 417 -9.92 -41.86 -35.68
N SER A 418 -9.68 -41.97 -34.37
CA SER A 418 -10.64 -42.61 -33.49
C SER A 418 -10.37 -42.24 -32.03
N ASP A 419 -11.34 -42.55 -31.17
CA ASP A 419 -11.18 -42.49 -29.73
C ASP A 419 -10.47 -43.77 -29.29
N MET A 420 -9.53 -43.64 -28.34
CA MET A 420 -8.73 -44.77 -27.90
C MET A 420 -9.59 -45.75 -27.10
N ARG A 421 -10.65 -45.24 -26.47
CA ARG A 421 -11.56 -46.07 -25.68
C ARG A 421 -12.42 -46.94 -26.60
N GLU A 422 -12.66 -46.46 -27.83
CA GLU A 422 -13.49 -47.16 -28.79
C GLU A 422 -12.63 -48.06 -29.67
N TRP A 423 -11.57 -47.47 -30.25
CA TRP A 423 -10.75 -48.11 -31.27
C TRP A 423 -10.53 -49.59 -30.98
N VAL A 424 -10.91 -50.43 -31.95
CA VAL A 424 -10.60 -51.85 -31.93
C VAL A 424 -9.22 -52.04 -32.59
N ALA A 425 -8.23 -52.41 -31.78
CA ALA A 425 -6.85 -52.51 -32.24
C ALA A 425 -6.66 -53.78 -33.07
N PRO A 426 -5.90 -53.71 -34.20
CA PRO A 426 -5.54 -54.91 -34.96
C PRO A 426 -4.29 -55.62 -34.43
N GLU A 427 -3.68 -55.04 -33.39
CA GLU A 427 -2.42 -55.51 -32.85
C GLU A 427 -2.28 -54.96 -31.43
N LYS A 428 -1.62 -55.72 -30.54
CA LYS A 428 -1.38 -55.26 -29.18
C LYS A 428 -0.03 -54.53 -29.13
N ALA A 429 0.06 -53.57 -28.19
CA ALA A 429 1.20 -52.67 -28.12
C ALA A 429 2.18 -53.14 -27.05
N ASP A 430 3.47 -52.89 -27.31
CA ASP A 430 4.52 -53.09 -26.33
C ASP A 430 4.63 -51.85 -25.45
N ILE A 431 4.49 -50.67 -26.08
CA ILE A 431 4.49 -49.41 -25.37
C ILE A 431 3.28 -48.59 -25.82
N ILE A 432 2.67 -47.87 -24.88
CA ILE A 432 1.70 -46.83 -25.19
C ILE A 432 2.23 -45.51 -24.64
N VAL A 433 2.22 -44.47 -25.47
CA VAL A 433 2.69 -43.15 -25.09
C VAL A 433 1.49 -42.20 -25.11
N SER A 434 1.38 -41.33 -24.10
CA SER A 434 0.24 -40.43 -23.99
C SER A 434 0.67 -39.10 -23.38
N GLU A 435 -0.15 -38.07 -23.66
CA GLU A 435 0.08 -36.71 -23.18
C GLU A 435 -1.28 -36.13 -22.78
N LEU A 436 -1.94 -36.81 -21.83
CA LEU A 436 -3.31 -36.51 -21.47
C LEU A 436 -3.37 -35.85 -20.09
N LEU A 437 -2.28 -35.16 -19.71
CA LEU A 437 -2.17 -34.60 -18.36
C LEU A 437 -2.39 -33.09 -18.43
N GLY A 438 -3.07 -32.57 -17.40
CA GLY A 438 -3.30 -31.15 -17.24
C GLY A 438 -2.45 -30.57 -16.12
N SER A 439 -2.90 -29.45 -15.55
CA SER A 439 -2.19 -28.78 -14.47
C SER A 439 -2.41 -29.51 -13.15
N PHE A 440 -3.52 -30.24 -13.04
CA PHE A 440 -3.79 -31.05 -11.86
C PHE A 440 -3.67 -32.52 -12.20
N ALA A 441 -2.81 -32.83 -13.19
CA ALA A 441 -2.58 -34.19 -13.68
C ALA A 441 -3.84 -34.77 -14.31
N ASP A 442 -4.80 -35.18 -13.47
CA ASP A 442 -5.87 -36.07 -13.87
C ASP A 442 -7.14 -35.31 -14.23
N ASN A 443 -7.03 -33.99 -14.46
CA ASN A 443 -8.19 -33.14 -14.73
C ASN A 443 -8.54 -33.19 -16.22
N GLU A 444 -7.78 -33.96 -17.01
CA GLU A 444 -8.09 -34.21 -18.41
C GLU A 444 -8.68 -35.61 -18.59
N LEU A 445 -8.81 -36.37 -17.49
CA LEU A 445 -9.35 -37.72 -17.50
C LEU A 445 -8.40 -38.65 -18.25
N SER A 446 -7.10 -38.51 -17.95
CA SER A 446 -6.09 -39.44 -18.43
C SER A 446 -6.35 -40.84 -17.87
N PRO A 447 -6.77 -40.98 -16.58
CA PRO A 447 -7.15 -42.28 -16.03
C PRO A 447 -8.18 -43.03 -16.87
N GLU A 448 -9.29 -42.37 -17.21
CA GLU A 448 -10.41 -43.01 -17.88
C GLU A 448 -10.00 -43.43 -19.30
N CYS A 449 -9.24 -42.57 -19.98
CA CYS A 449 -8.85 -42.81 -21.35
C CYS A 449 -7.88 -44.00 -21.44
N LEU A 450 -6.86 -44.00 -20.58
CA LEU A 450 -5.82 -45.01 -20.60
C LEU A 450 -6.35 -46.34 -20.05
N ASP A 451 -7.36 -46.27 -19.17
CA ASP A 451 -8.05 -47.47 -18.70
C ASP A 451 -8.78 -48.13 -19.87
N GLY A 452 -9.42 -47.31 -20.71
CA GLY A 452 -10.17 -47.79 -21.85
C GLY A 452 -9.25 -48.32 -22.96
N ALA A 453 -8.00 -47.84 -22.98
CA ALA A 453 -7.02 -48.22 -23.98
C ALA A 453 -6.07 -49.28 -23.44
N GLN A 454 -6.43 -49.87 -22.29
CA GLN A 454 -5.57 -50.78 -21.56
C GLN A 454 -5.62 -52.18 -22.17
N HIS A 455 -6.76 -52.52 -22.79
CA HIS A 455 -7.01 -53.84 -23.33
C HIS A 455 -6.01 -54.19 -24.44
N PHE A 456 -5.63 -53.22 -25.28
CA PHE A 456 -4.76 -53.49 -26.42
C PHE A 456 -3.30 -53.25 -26.04
N LEU A 457 -3.00 -53.20 -24.73
CA LEU A 457 -1.62 -53.26 -24.26
C LEU A 457 -1.26 -54.72 -24.02
N LYS A 458 0.00 -55.08 -24.30
CA LYS A 458 0.50 -56.41 -24.02
C LYS A 458 0.51 -56.64 -22.51
N ASP A 459 0.51 -57.91 -22.10
CA ASP A 459 0.47 -58.28 -20.69
C ASP A 459 1.73 -57.81 -19.97
N ASP A 460 2.82 -57.64 -20.73
CA ASP A 460 4.07 -57.11 -20.20
C ASP A 460 4.36 -55.74 -20.80
N GLY A 461 3.28 -54.99 -21.13
CA GLY A 461 3.42 -53.73 -21.83
C GLY A 461 3.68 -52.58 -20.88
N VAL A 462 4.33 -51.52 -21.40
CA VAL A 462 4.69 -50.35 -20.62
C VAL A 462 3.77 -49.20 -21.03
N SER A 463 3.55 -48.26 -20.09
CA SER A 463 2.83 -47.03 -20.35
C SER A 463 3.73 -45.84 -20.03
N ILE A 464 3.70 -44.83 -20.91
CA ILE A 464 4.44 -43.59 -20.72
C ILE A 464 3.47 -42.43 -20.86
N PRO A 465 3.07 -41.73 -19.77
CA PRO A 465 3.62 -41.97 -18.43
C PRO A 465 3.07 -43.21 -17.74
N GLY A 466 3.89 -43.77 -16.83
CA GLY A 466 3.51 -44.92 -16.02
C GLY A 466 2.79 -44.50 -14.75
N GLU A 467 3.04 -43.27 -14.29
CA GLU A 467 2.45 -42.78 -13.06
C GLU A 467 2.40 -41.25 -13.08
N TYR A 468 1.43 -40.68 -12.36
CA TYR A 468 1.38 -39.25 -12.12
C TYR A 468 0.63 -38.99 -10.82
N THR A 469 1.03 -37.91 -10.13
CA THR A 469 0.46 -37.52 -8.85
C THR A 469 0.14 -36.03 -8.89
N SER A 470 -0.93 -35.64 -8.18
CA SER A 470 -1.32 -34.25 -8.02
C SER A 470 -0.99 -33.78 -6.61
N PHE A 471 -0.64 -32.50 -6.47
CA PHE A 471 -0.30 -31.90 -5.19
C PHE A 471 -1.19 -30.70 -4.93
N LEU A 472 -1.43 -30.39 -3.65
CA LEU A 472 -2.20 -29.24 -3.24
C LEU A 472 -1.42 -28.46 -2.18
N ALA A 473 -1.61 -27.13 -2.17
CA ALA A 473 -1.01 -26.27 -1.16
C ALA A 473 -1.92 -25.07 -0.91
N PRO A 474 -2.23 -24.74 0.36
CA PRO A 474 -3.10 -23.60 0.67
C PRO A 474 -2.38 -22.28 0.39
N ILE A 475 -3.13 -21.29 -0.12
CA ILE A 475 -2.56 -20.00 -0.46
C ILE A 475 -3.40 -18.88 0.12
N SER A 476 -2.76 -17.71 0.30
CA SER A 476 -3.44 -16.48 0.65
C SER A 476 -3.18 -15.46 -0.47
N SER A 477 -4.26 -15.03 -1.12
CA SER A 477 -4.18 -14.03 -2.17
C SER A 477 -5.49 -13.25 -2.27
N SER A 478 -5.52 -12.06 -1.65
CA SER A 478 -6.66 -11.17 -1.72
C SER A 478 -6.84 -10.65 -3.14
N LYS A 479 -5.77 -10.72 -3.94
CA LYS A 479 -5.82 -10.39 -5.37
C LYS A 479 -6.62 -11.46 -6.11
N LEU A 480 -6.19 -12.72 -5.99
CA LEU A 480 -6.76 -13.83 -6.74
C LEU A 480 -8.21 -14.06 -6.32
N TYR A 481 -8.47 -13.97 -5.01
CA TYR A 481 -9.83 -14.09 -4.49
C TYR A 481 -10.73 -13.07 -5.20
N ASN A 482 -10.26 -11.82 -5.25
CA ASN A 482 -11.02 -10.72 -5.82
C ASN A 482 -11.11 -10.87 -7.33
N GLU A 483 -10.16 -11.60 -7.92
CA GLU A 483 -10.14 -11.89 -9.35
C GLU A 483 -11.25 -12.89 -9.68
N VAL A 484 -11.31 -13.99 -8.91
CA VAL A 484 -12.31 -15.03 -9.06
C VAL A 484 -13.69 -14.42 -8.88
N ARG A 485 -13.82 -13.59 -7.83
CA ARG A 485 -15.05 -12.92 -7.48
C ARG A 485 -15.65 -12.23 -8.71
N ALA A 486 -14.80 -11.63 -9.54
CA ALA A 486 -15.23 -10.83 -10.68
C ALA A 486 -15.58 -11.68 -11.89
N CYS A 487 -15.59 -13.02 -11.74
CA CYS A 487 -15.94 -13.92 -12.83
C CYS A 487 -17.42 -14.31 -12.77
N ARG A 488 -18.23 -13.54 -12.04
CA ARG A 488 -19.65 -13.81 -11.95
C ARG A 488 -20.29 -13.48 -13.29
N GLU A 489 -21.10 -14.42 -13.81
CA GLU A 489 -21.74 -14.28 -15.11
C GLU A 489 -23.25 -14.33 -14.94
N LYS A 490 -23.96 -13.74 -15.92
CA LYS A 490 -25.40 -13.79 -15.97
C LYS A 490 -25.85 -15.24 -16.16
N ASP A 491 -27.06 -15.54 -15.66
CA ASP A 491 -27.77 -16.76 -16.03
C ASP A 491 -27.06 -18.00 -15.49
N ARG A 492 -26.49 -17.88 -14.29
CA ARG A 492 -25.94 -19.03 -13.57
C ARG A 492 -25.84 -18.68 -12.09
N ASP A 493 -25.42 -19.66 -11.27
CA ASP A 493 -25.33 -19.50 -9.83
C ASP A 493 -24.43 -18.29 -9.52
N PRO A 494 -24.83 -17.40 -8.58
CA PRO A 494 -24.00 -16.26 -8.20
C PRO A 494 -22.60 -16.61 -7.69
N GLU A 495 -22.43 -17.83 -7.16
CA GLU A 495 -21.16 -18.27 -6.61
C GLU A 495 -20.64 -19.48 -7.36
N ALA A 496 -20.94 -19.57 -8.67
CA ALA A 496 -20.47 -20.67 -9.49
C ALA A 496 -18.96 -20.56 -9.69
N GLN A 497 -18.46 -19.32 -9.79
CA GLN A 497 -17.07 -19.05 -10.11
C GLN A 497 -16.14 -19.61 -9.03
N PHE A 498 -16.63 -19.69 -7.78
CA PHE A 498 -15.82 -20.16 -6.67
C PHE A 498 -15.74 -21.69 -6.67
N GLU A 499 -16.63 -22.36 -7.42
CA GLU A 499 -16.74 -23.81 -7.40
C GLU A 499 -16.17 -24.40 -8.69
N MET A 500 -15.09 -23.80 -9.22
CA MET A 500 -14.46 -24.29 -10.42
C MET A 500 -12.99 -23.90 -10.43
N PRO A 501 -12.08 -24.79 -10.89
CA PRO A 501 -10.65 -24.49 -10.91
C PRO A 501 -10.25 -23.57 -12.06
N TYR A 502 -9.11 -22.89 -11.89
CA TYR A 502 -8.58 -21.99 -12.90
C TYR A 502 -7.09 -22.27 -13.09
N VAL A 503 -6.66 -22.27 -14.36
CA VAL A 503 -5.24 -22.28 -14.69
C VAL A 503 -4.76 -20.83 -14.67
N VAL A 504 -3.67 -20.58 -13.92
CA VAL A 504 -3.23 -19.22 -13.65
C VAL A 504 -1.76 -19.25 -13.26
N ARG A 505 -0.99 -18.30 -13.80
CA ARG A 505 0.36 -18.04 -13.33
C ARG A 505 0.27 -17.30 -12.01
N LEU A 506 0.38 -18.05 -10.90
CA LEU A 506 0.32 -17.49 -9.56
C LEU A 506 1.53 -16.60 -9.35
N HIS A 507 1.28 -15.35 -8.92
CA HIS A 507 2.34 -14.36 -8.79
C HIS A 507 2.17 -13.61 -7.47
N ASN A 508 1.09 -12.82 -7.37
CA ASN A 508 0.79 -12.07 -6.16
C ASN A 508 0.00 -12.97 -5.22
N PHE A 509 0.72 -13.85 -4.50
CA PHE A 509 0.08 -14.78 -3.58
C PHE A 509 1.08 -15.17 -2.48
N HIS A 510 0.60 -15.94 -1.51
CA HIS A 510 1.43 -16.43 -0.42
C HIS A 510 1.09 -17.89 -0.14
N GLN A 511 2.05 -18.78 -0.39
CA GLN A 511 1.90 -20.19 -0.11
C GLN A 511 2.07 -20.41 1.40
N LEU A 512 1.00 -20.91 2.05
CA LEU A 512 0.92 -20.94 3.50
C LEU A 512 1.56 -22.22 4.04
N SER A 513 1.64 -23.27 3.22
CA SER A 513 2.22 -24.53 3.64
C SER A 513 2.81 -25.27 2.44
N ALA A 514 3.67 -26.26 2.73
CA ALA A 514 4.37 -27.00 1.69
C ALA A 514 3.40 -27.94 0.98
N PRO A 515 3.50 -28.09 -0.36
CA PRO A 515 2.60 -28.98 -1.11
C PRO A 515 2.63 -30.43 -0.61
N GLN A 516 1.46 -31.06 -0.62
CA GLN A 516 1.33 -32.47 -0.25
C GLN A 516 0.59 -33.21 -1.35
N PRO A 517 0.88 -34.51 -1.57
CA PRO A 517 0.23 -35.29 -2.63
C PRO A 517 -1.26 -35.52 -2.37
N CYS A 518 -2.06 -35.41 -3.42
CA CYS A 518 -3.52 -35.49 -3.32
C CYS A 518 -4.00 -36.81 -3.93
N PHE A 519 -3.87 -36.94 -5.25
CA PHE A 519 -4.32 -38.11 -5.99
C PHE A 519 -3.18 -38.67 -6.82
N THR A 520 -3.11 -40.00 -6.90
CA THR A 520 -2.09 -40.68 -7.70
C THR A 520 -2.77 -41.71 -8.60
N PHE A 521 -2.17 -41.93 -9.77
CA PHE A 521 -2.68 -42.90 -10.73
C PHE A 521 -1.50 -43.64 -11.36
N SER A 522 -1.64 -44.97 -11.47
CA SER A 522 -0.63 -45.83 -12.06
C SER A 522 -1.20 -46.55 -13.28
N HIS A 523 -0.43 -46.56 -14.37
CA HIS A 523 -0.83 -47.23 -15.61
C HIS A 523 0.31 -48.15 -16.07
N PRO A 524 0.02 -49.43 -16.44
CA PRO A 524 -1.35 -49.96 -16.45
C PRO A 524 -1.90 -50.29 -15.06
N ASN A 525 -3.18 -49.96 -14.84
CA ASN A 525 -3.86 -50.23 -13.58
C ASN A 525 -4.28 -51.70 -13.56
N ARG A 526 -3.84 -52.42 -12.52
CA ARG A 526 -4.08 -53.85 -12.40
C ARG A 526 -5.08 -54.15 -11.29
N ASP A 527 -5.54 -53.11 -10.58
CA ASP A 527 -6.43 -53.28 -9.44
C ASP A 527 -7.79 -53.75 -9.93
N PRO A 528 -8.31 -54.92 -9.47
CA PRO A 528 -9.63 -55.41 -9.89
C PRO A 528 -10.73 -54.39 -9.64
N MET A 529 -11.63 -54.25 -10.62
CA MET A 529 -12.66 -53.21 -10.61
C MET A 529 -12.00 -51.86 -10.39
N ILE A 530 -11.34 -51.37 -11.46
CA ILE A 530 -10.55 -50.15 -11.40
C ILE A 530 -11.46 -48.96 -11.18
N ASP A 531 -11.38 -48.36 -9.98
CA ASP A 531 -12.19 -47.19 -9.63
C ASP A 531 -11.27 -45.96 -9.59
N ASN A 532 -11.69 -44.91 -10.31
CA ASN A 532 -10.92 -43.68 -10.39
C ASN A 532 -11.50 -42.61 -9.48
N ASN A 533 -12.52 -42.97 -8.68
CA ASN A 533 -13.03 -42.09 -7.64
C ASN A 533 -12.05 -42.10 -6.46
N ARG A 534 -11.90 -40.95 -5.80
CA ARG A 534 -10.94 -40.80 -4.71
C ARG A 534 -11.48 -39.83 -3.65
N TYR A 535 -10.87 -39.91 -2.46
CA TYR A 535 -11.18 -39.06 -1.34
C TYR A 535 -9.91 -38.91 -0.49
N CYS A 536 -9.38 -37.68 -0.43
CA CYS A 536 -8.11 -37.40 0.22
C CYS A 536 -8.30 -36.35 1.30
N THR A 537 -7.70 -36.60 2.48
CA THR A 537 -7.64 -35.63 3.55
C THR A 537 -6.20 -35.16 3.71
N LEU A 538 -6.00 -33.83 3.70
CA LEU A 538 -4.68 -33.24 3.88
C LEU A 538 -4.72 -32.28 5.05
N GLU A 539 -3.63 -32.25 5.83
CA GLU A 539 -3.47 -31.33 6.95
C GLU A 539 -2.21 -30.51 6.73
N PHE A 540 -2.38 -29.17 6.65
CA PHE A 540 -1.30 -28.26 6.32
C PHE A 540 -0.90 -27.45 7.55
N PRO A 541 0.26 -27.72 8.19
CA PRO A 541 0.72 -26.92 9.33
C PRO A 541 1.10 -25.50 8.92
N VAL A 542 0.34 -24.52 9.42
CA VAL A 542 0.58 -23.11 9.13
C VAL A 542 1.35 -22.51 10.30
N GLU A 543 2.32 -21.64 9.99
CA GLU A 543 3.21 -21.08 10.99
C GLU A 543 3.13 -19.56 11.00
N VAL A 544 2.05 -19.00 10.43
CA VAL A 544 1.86 -17.57 10.34
C VAL A 544 0.37 -17.25 10.45
N ASN A 545 0.05 -16.02 10.86
CA ASN A 545 -1.30 -15.50 10.71
C ASN A 545 -1.52 -15.21 9.23
N THR A 546 -2.74 -15.44 8.73
CA THR A 546 -3.04 -15.30 7.32
C THR A 546 -4.54 -15.46 7.07
N VAL A 547 -4.93 -15.37 5.80
CA VAL A 547 -6.31 -15.58 5.37
C VAL A 547 -6.31 -16.47 4.13
N LEU A 548 -6.87 -17.67 4.27
CA LEU A 548 -6.92 -18.67 3.21
C LEU A 548 -7.95 -18.25 2.16
N HIS A 549 -7.53 -18.22 0.89
CA HIS A 549 -8.41 -17.84 -0.21
C HIS A 549 -8.59 -18.98 -1.22
N GLY A 550 -7.72 -20.00 -1.18
CA GLY A 550 -7.83 -21.11 -2.10
C GLY A 550 -6.66 -22.08 -1.95
N PHE A 551 -6.57 -23.02 -2.90
CA PHE A 551 -5.53 -24.04 -2.89
C PHE A 551 -4.87 -24.11 -4.25
N ALA A 552 -3.55 -23.88 -4.29
CA ALA A 552 -2.77 -24.02 -5.50
C ALA A 552 -2.53 -25.50 -5.80
N GLY A 553 -2.67 -25.88 -7.07
CA GLY A 553 -2.53 -27.26 -7.48
C GLY A 553 -1.36 -27.43 -8.46
N TYR A 554 -0.59 -28.51 -8.25
CA TYR A 554 0.55 -28.84 -9.09
C TYR A 554 0.45 -30.33 -9.44
N PHE A 555 1.47 -30.85 -10.12
CA PHE A 555 1.52 -32.28 -10.41
C PHE A 555 2.95 -32.72 -10.72
N GLU A 556 3.21 -34.02 -10.46
CA GLU A 556 4.41 -34.70 -10.92
C GLU A 556 3.98 -35.91 -11.75
N THR A 557 4.81 -36.29 -12.71
CA THR A 557 4.54 -37.47 -13.52
C THR A 557 5.85 -38.22 -13.79
N VAL A 558 5.79 -39.54 -13.56
CA VAL A 558 6.87 -40.45 -13.90
C VAL A 558 6.61 -40.99 -15.31
N LEU A 559 7.48 -40.62 -16.25
CA LEU A 559 7.34 -41.05 -17.64
C LEU A 559 7.70 -42.52 -17.76
N TYR A 560 8.82 -42.93 -17.14
CA TYR A 560 9.25 -44.32 -17.18
C TYR A 560 9.90 -44.73 -15.86
N GLN A 561 11.04 -44.12 -15.53
CA GLN A 561 11.82 -44.51 -14.36
C GLN A 561 12.29 -43.26 -13.62
N ASP A 562 13.46 -42.74 -14.00
CA ASP A 562 14.02 -41.55 -13.39
C ASP A 562 13.70 -40.33 -14.24
N ILE A 563 13.07 -40.55 -15.41
CA ILE A 563 12.68 -39.48 -16.29
C ILE A 563 11.30 -38.99 -15.86
N THR A 564 11.20 -37.69 -15.53
CA THR A 564 10.00 -37.14 -14.92
C THR A 564 9.71 -35.75 -15.46
N LEU A 565 8.45 -35.32 -15.30
CA LEU A 565 8.06 -33.93 -15.49
C LEU A 565 7.31 -33.50 -14.23
N SER A 566 7.40 -32.20 -13.90
CA SER A 566 6.84 -31.69 -12.66
C SER A 566 6.69 -30.17 -12.72
N ILE A 567 5.61 -29.67 -12.10
CA ILE A 567 5.43 -28.24 -11.91
C ILE A 567 5.28 -27.94 -10.41
N ARG A 568 5.68 -28.89 -9.55
CA ARG A 568 5.75 -28.66 -8.12
C ARG A 568 6.95 -27.77 -7.83
N PRO A 569 6.75 -26.56 -7.25
CA PRO A 569 7.83 -25.57 -7.11
C PRO A 569 9.19 -26.11 -6.67
N GLU A 570 9.19 -27.06 -5.73
CA GLU A 570 10.42 -27.55 -5.12
C GLU A 570 11.09 -28.61 -6.01
N THR A 571 10.32 -29.24 -6.91
CA THR A 571 10.87 -30.22 -7.83
C THR A 571 10.48 -29.84 -9.27
N HIS A 572 10.48 -28.54 -9.57
CA HIS A 572 9.99 -28.03 -10.83
C HIS A 572 11.02 -28.29 -11.92
N SER A 573 10.59 -28.91 -13.02
CA SER A 573 11.43 -29.13 -14.18
C SER A 573 11.97 -27.79 -14.67
N PRO A 574 13.30 -27.61 -14.79
CA PRO A 574 13.87 -26.32 -15.17
C PRO A 574 13.71 -26.02 -16.66
N GLY A 575 13.15 -24.85 -16.97
CA GLY A 575 13.00 -24.40 -18.35
C GLY A 575 11.58 -24.61 -18.87
N MET A 576 10.97 -25.74 -18.49
CA MET A 576 9.65 -26.14 -18.99
C MET A 576 8.61 -25.11 -18.57
N PHE A 577 7.72 -24.76 -19.51
CA PHE A 577 6.70 -23.75 -19.28
C PHE A 577 5.38 -24.20 -19.91
N SER A 578 5.13 -25.51 -19.90
CA SER A 578 3.99 -26.10 -20.59
C SER A 578 2.72 -25.92 -19.77
N TRP A 579 2.78 -26.31 -18.50
CA TRP A 579 1.66 -26.20 -17.58
C TRP A 579 1.89 -25.06 -16.60
N PHE A 580 0.87 -24.21 -16.43
CA PHE A 580 0.81 -23.29 -15.30
C PHE A 580 0.14 -24.00 -14.14
N PRO A 581 0.25 -23.49 -12.89
CA PRO A 581 -0.49 -24.04 -11.75
C PRO A 581 -2.00 -23.87 -11.91
N ILE A 582 -2.75 -24.68 -11.15
CA ILE A 582 -4.20 -24.61 -11.12
C ILE A 582 -4.62 -24.07 -9.75
N LEU A 583 -5.80 -23.45 -9.68
CA LEU A 583 -6.31 -22.84 -8.47
C LEU A 583 -7.69 -23.39 -8.15
N PHE A 584 -7.89 -23.85 -6.91
CA PHE A 584 -9.20 -24.24 -6.41
C PHE A 584 -9.65 -23.22 -5.37
N PRO A 585 -10.51 -22.24 -5.73
CA PRO A 585 -10.92 -21.19 -4.79
C PRO A 585 -11.87 -21.71 -3.71
N ILE A 586 -12.24 -20.82 -2.79
CA ILE A 586 -13.30 -21.08 -1.83
C ILE A 586 -14.20 -19.84 -1.77
N LYS A 587 -15.48 -20.06 -1.44
CA LYS A 587 -16.50 -19.02 -1.43
C LYS A 587 -16.07 -17.90 -0.49
N GLN A 588 -15.74 -18.27 0.75
CA GLN A 588 -15.46 -17.32 1.82
C GLN A 588 -14.02 -17.50 2.29
N PRO A 589 -13.27 -16.39 2.51
CA PRO A 589 -11.93 -16.48 3.10
C PRO A 589 -12.01 -17.03 4.52
N ILE A 590 -10.93 -17.70 4.95
CA ILE A 590 -10.89 -18.35 6.25
C ILE A 590 -9.67 -17.83 7.00
N THR A 591 -9.90 -17.30 8.21
CA THR A 591 -8.83 -16.85 9.08
C THR A 591 -8.03 -18.06 9.55
N VAL A 592 -6.71 -17.88 9.67
CA VAL A 592 -5.83 -18.94 10.13
C VAL A 592 -4.77 -18.30 11.04
N ARG A 593 -4.77 -18.71 12.32
CA ARG A 593 -3.81 -18.23 13.30
C ARG A 593 -2.54 -19.06 13.21
N GLU A 594 -1.42 -18.49 13.66
CA GLU A 594 -0.14 -19.18 13.64
C GLU A 594 -0.22 -20.36 14.61
N GLY A 595 0.20 -21.55 14.13
CA GLY A 595 0.15 -22.76 14.91
C GLY A 595 -0.99 -23.69 14.46
N GLN A 596 -2.06 -23.11 13.91
CA GLN A 596 -3.23 -23.87 13.49
C GLN A 596 -2.92 -24.65 12.23
N THR A 597 -3.71 -25.70 11.99
CA THR A 597 -3.57 -26.56 10.83
C THR A 597 -4.77 -26.34 9.90
N ILE A 598 -4.48 -26.07 8.62
CA ILE A 598 -5.50 -26.03 7.59
C ILE A 598 -5.77 -27.47 7.15
N CYS A 599 -7.02 -27.92 7.29
CA CYS A 599 -7.43 -29.26 6.89
C CYS A 599 -8.38 -29.17 5.70
N VAL A 600 -7.93 -29.67 4.55
CA VAL A 600 -8.74 -29.66 3.33
C VAL A 600 -9.09 -31.10 2.96
N ARG A 601 -10.25 -31.26 2.33
CA ARG A 601 -10.73 -32.53 1.82
C ARG A 601 -10.97 -32.39 0.32
N PHE A 602 -10.54 -33.39 -0.46
CA PHE A 602 -10.71 -33.37 -1.90
C PHE A 602 -11.27 -34.71 -2.36
N TRP A 603 -12.36 -34.65 -3.14
CA TRP A 603 -12.93 -35.81 -3.78
C TRP A 603 -12.72 -35.73 -5.29
N ARG A 604 -12.48 -36.89 -5.91
CA ARG A 604 -12.62 -37.04 -7.35
C ARG A 604 -13.87 -37.91 -7.59
N CYS A 605 -14.87 -37.30 -8.22
CA CYS A 605 -16.17 -37.94 -8.41
C CYS A 605 -16.43 -38.15 -9.90
N SER A 606 -17.31 -39.12 -10.22
CA SER A 606 -17.61 -39.43 -11.60
C SER A 606 -18.96 -40.13 -11.72
N ASN A 607 -19.55 -40.02 -12.92
CA ASN A 607 -20.61 -40.90 -13.36
C ASN A 607 -20.25 -41.33 -14.79
N SER A 608 -21.22 -41.86 -15.54
CA SER A 608 -20.99 -42.36 -16.87
C SER A 608 -20.71 -41.23 -17.87
N LYS A 609 -21.15 -40.00 -17.53
CA LYS A 609 -21.06 -38.87 -18.44
C LYS A 609 -19.91 -37.94 -18.04
N LYS A 610 -19.79 -37.62 -16.74
CA LYS A 610 -18.92 -36.56 -16.29
C LYS A 610 -17.92 -37.07 -15.24
N VAL A 611 -16.84 -36.29 -15.07
CA VAL A 611 -15.93 -36.41 -13.95
C VAL A 611 -15.76 -35.01 -13.36
N TRP A 612 -15.65 -34.91 -12.03
CA TRP A 612 -15.51 -33.62 -11.38
C TRP A 612 -14.85 -33.76 -10.02
N TYR A 613 -14.36 -32.63 -9.51
CA TYR A 613 -13.79 -32.55 -8.16
C TYR A 613 -14.80 -31.89 -7.24
N GLU A 614 -14.78 -32.31 -5.97
CA GLU A 614 -15.42 -31.58 -4.89
C GLU A 614 -14.36 -31.33 -3.82
N TRP A 615 -14.55 -30.30 -3.00
CA TRP A 615 -13.62 -30.01 -1.93
C TRP A 615 -14.29 -29.22 -0.82
N ALA A 616 -13.70 -29.32 0.39
CA ALA A 616 -14.20 -28.62 1.56
C ALA A 616 -13.07 -28.46 2.57
N VAL A 617 -13.05 -27.31 3.26
CA VAL A 617 -12.16 -27.08 4.37
C VAL A 617 -12.88 -27.52 5.65
N THR A 618 -12.15 -28.18 6.55
CA THR A 618 -12.74 -28.74 7.77
C THR A 618 -12.09 -28.13 9.01
N ALA A 619 -10.87 -27.60 8.86
CA ALA A 619 -10.17 -26.91 9.93
C ALA A 619 -9.35 -25.75 9.35
N PRO A 620 -9.15 -24.63 10.08
CA PRO A 620 -9.63 -24.49 11.47
C PRO A 620 -11.13 -24.26 11.63
N VAL A 621 -11.79 -23.82 10.56
CA VAL A 621 -13.24 -23.73 10.51
C VAL A 621 -13.71 -24.47 9.27
N CYS A 622 -15.00 -24.83 9.25
CA CYS A 622 -15.58 -25.54 8.12
C CYS A 622 -16.00 -24.56 7.03
N SER A 623 -15.69 -24.91 5.78
CA SER A 623 -16.28 -24.27 4.61
C SER A 623 -17.43 -25.14 4.11
N ALA A 624 -18.18 -24.60 3.15
CA ALA A 624 -19.18 -25.39 2.43
C ALA A 624 -18.46 -26.36 1.51
N ILE A 625 -19.11 -27.49 1.21
CA ILE A 625 -18.61 -28.41 0.20
C ILE A 625 -18.79 -27.76 -1.16
N HIS A 626 -17.68 -27.64 -1.90
CA HIS A 626 -17.67 -26.91 -3.16
C HIS A 626 -17.93 -27.88 -4.32
N ASN A 627 -18.80 -27.43 -5.25
CA ASN A 627 -19.07 -28.12 -6.49
C ASN A 627 -19.70 -29.48 -6.22
N PRO A 628 -20.74 -29.57 -5.36
CA PRO A 628 -21.44 -30.84 -5.14
C PRO A 628 -22.20 -31.30 -6.38
N THR A 629 -21.93 -32.54 -6.82
CA THR A 629 -22.54 -33.15 -7.99
C THR A 629 -22.10 -32.40 -9.25
N GLY A 630 -20.92 -31.77 -9.21
CA GLY A 630 -20.39 -31.04 -10.34
C GLY A 630 -21.38 -30.02 -10.91
N ARG A 631 -22.12 -29.34 -10.04
CA ARG A 631 -23.15 -28.40 -10.46
C ARG A 631 -22.53 -27.22 -11.17
N SER A 632 -21.34 -26.79 -10.72
CA SER A 632 -20.68 -25.61 -11.23
C SER A 632 -19.62 -25.96 -12.27
N TYR A 633 -19.01 -27.14 -12.15
CA TYR A 633 -17.92 -27.53 -13.03
C TYR A 633 -17.92 -29.05 -13.21
N THR A 634 -17.88 -29.49 -14.48
CA THR A 634 -17.69 -30.89 -14.82
C THR A 634 -16.62 -31.01 -15.89
N ILE A 635 -16.04 -32.21 -15.99
CA ILE A 635 -15.10 -32.57 -17.03
C ILE A 635 -15.77 -33.63 -17.89
N GLY A 636 -15.89 -33.35 -19.20
CA GLY A 636 -16.70 -34.18 -20.09
C GLY A 636 -15.95 -35.45 -20.50
N LEU A 637 -16.61 -36.59 -20.33
CA LEU A 637 -16.12 -37.86 -20.86
C LEU A 637 -16.44 -37.94 -22.36
N PRO B 21 5.33 50.27 -0.84
CA PRO B 21 6.29 50.55 0.23
C PRO B 21 7.44 49.53 0.29
N ASN B 22 8.02 49.25 -0.88
CA ASN B 22 9.11 48.28 -1.00
C ASN B 22 8.66 46.93 -0.42
N ALA B 23 7.50 46.46 -0.89
CA ALA B 23 6.88 45.25 -0.36
C ALA B 23 5.90 44.69 -1.38
N PRO B 24 5.38 43.46 -1.19
CA PRO B 24 4.36 42.89 -2.10
C PRO B 24 3.15 43.80 -2.30
N ALA B 25 2.51 43.67 -3.46
CA ALA B 25 1.38 44.50 -3.82
C ALA B 25 0.17 44.19 -2.93
N CYS B 26 -0.05 42.90 -2.66
CA CYS B 26 -1.19 42.45 -1.88
C CYS B 26 -0.79 41.28 -0.99
N MET B 27 -1.30 41.27 0.26
CA MET B 27 -1.09 40.17 1.18
C MET B 27 -2.22 39.15 1.00
N GLU B 28 -2.09 38.00 1.66
CA GLU B 28 -2.99 36.89 1.47
C GLU B 28 -4.16 37.02 2.45
N ARG B 29 -5.24 36.27 2.16
CA ARG B 29 -6.51 36.40 2.86
C ARG B 29 -6.40 35.91 4.30
N GLN B 30 -5.84 34.70 4.48
CA GLN B 30 -5.84 34.04 5.77
C GLN B 30 -4.68 34.55 6.63
N LEU B 31 -5.01 35.39 7.62
CA LEU B 31 -4.04 35.89 8.59
C LEU B 31 -3.83 34.82 9.67
N GLU B 32 -2.60 34.35 9.81
CA GLU B 32 -2.29 33.19 10.64
C GLU B 32 -1.79 33.62 12.02
N ALA B 33 -0.94 34.65 12.06
CA ALA B 33 -0.28 35.05 13.29
C ALA B 33 -0.28 36.57 13.45
N ALA B 34 -0.11 37.02 14.70
CA ALA B 34 0.00 38.43 15.03
C ALA B 34 0.68 38.57 16.39
N ARG B 35 1.82 39.27 16.43
CA ARG B 35 2.61 39.42 17.63
C ARG B 35 3.05 40.88 17.80
N TYR B 36 3.06 41.36 19.05
CA TYR B 36 3.65 42.64 19.39
C TYR B 36 5.07 42.42 19.89
N ARG B 37 5.93 43.42 19.72
CA ARG B 37 7.28 43.41 20.26
C ARG B 37 7.38 44.46 21.37
N SER B 38 8.61 44.75 21.80
CA SER B 38 8.86 45.60 22.96
C SER B 38 8.15 46.94 22.81
N ASP B 39 8.50 47.70 21.75
CA ASP B 39 8.00 49.06 21.57
C ASP B 39 6.51 49.04 21.29
N GLY B 40 6.06 48.05 20.50
CA GLY B 40 4.64 47.86 20.20
C GLY B 40 4.35 47.90 18.70
N ALA B 41 5.25 47.30 17.90
CA ALA B 41 5.04 47.15 16.47
C ALA B 41 4.40 45.79 16.21
N LEU B 42 3.31 45.78 15.44
CA LEU B 42 2.51 44.58 15.23
C LEU B 42 3.05 43.80 14.04
N LEU B 43 3.62 42.62 14.32
CA LEU B 43 4.04 41.68 13.31
C LEU B 43 2.79 40.95 12.78
N LEU B 44 2.83 40.56 11.50
CA LEU B 44 1.73 39.84 10.87
C LEU B 44 2.28 38.77 9.92
N GLY B 45 1.85 37.53 10.13
CA GLY B 45 2.01 36.46 9.15
C GLY B 45 0.69 36.15 8.48
N ALA B 46 0.74 35.80 7.19
CA ALA B 46 -0.46 35.52 6.41
C ALA B 46 -0.15 34.45 5.36
N SER B 47 -1.15 33.61 5.07
CA SER B 47 -1.03 32.53 4.11
C SER B 47 -2.18 32.57 3.13
N SER B 48 -1.91 32.16 1.89
CA SER B 48 -2.95 31.88 0.91
C SER B 48 -3.30 30.39 0.98
N LEU B 49 -4.48 30.09 1.55
CA LEU B 49 -4.96 28.73 1.67
C LEU B 49 -6.02 28.44 0.61
N SER B 50 -6.17 29.36 -0.35
CA SER B 50 -7.11 29.22 -1.45
C SER B 50 -6.58 29.93 -2.69
N GLY B 51 -7.03 29.48 -3.86
CA GLY B 51 -6.71 30.14 -5.12
C GLY B 51 -5.51 29.51 -5.81
N ARG B 52 -4.96 30.24 -6.79
CA ARG B 52 -3.93 29.74 -7.68
C ARG B 52 -2.65 29.44 -6.90
N CYS B 53 -2.15 30.46 -6.18
CA CYS B 53 -0.85 30.37 -5.53
C CYS B 53 -1.04 30.20 -4.02
N TRP B 54 -0.42 29.16 -3.47
CA TRP B 54 -0.45 28.88 -2.04
C TRP B 54 0.89 29.27 -1.41
N ALA B 55 1.08 30.56 -1.19
CA ALA B 55 2.30 31.10 -0.59
C ALA B 55 1.93 31.87 0.68
N GLY B 56 2.97 32.33 1.39
CA GLY B 56 2.79 33.13 2.61
C GLY B 56 3.56 34.44 2.53
N SER B 57 3.51 35.22 3.62
CA SER B 57 4.17 36.51 3.68
C SER B 57 4.36 36.95 5.12
N LEU B 58 5.24 37.94 5.31
CA LEU B 58 5.51 38.54 6.60
C LEU B 58 5.38 40.06 6.47
N TRP B 59 4.79 40.70 7.48
CA TRP B 59 4.53 42.13 7.44
C TRP B 59 4.84 42.76 8.80
N LEU B 60 5.08 44.08 8.79
CA LEU B 60 5.32 44.84 10.01
C LEU B 60 4.46 46.11 9.98
N PHE B 61 3.93 46.48 11.15
CA PHE B 61 3.07 47.65 11.29
C PHE B 61 3.47 48.44 12.54
N LYS B 62 4.22 49.52 12.33
CA LYS B 62 4.55 50.45 13.39
C LYS B 62 3.29 51.20 13.83
N ASP B 63 2.30 51.28 12.93
CA ASP B 63 0.96 51.73 13.25
C ASP B 63 0.04 50.51 13.33
N PRO B 64 -0.33 50.02 14.54
CA PRO B 64 -1.20 48.85 14.67
C PRO B 64 -2.57 49.00 14.02
N CYS B 65 -3.12 50.22 14.04
CA CYS B 65 -4.48 50.48 13.58
C CYS B 65 -4.54 50.59 12.05
N ALA B 66 -3.37 50.58 11.39
CA ALA B 66 -3.31 50.69 9.93
C ALA B 66 -3.50 49.32 9.29
N ALA B 67 -3.39 48.25 10.10
CA ALA B 67 -3.46 46.89 9.60
C ALA B 67 -4.90 46.53 9.24
N PRO B 68 -5.14 45.62 8.26
CA PRO B 68 -4.07 44.97 7.48
C PRO B 68 -3.83 45.58 6.09
N ASN B 69 -3.73 46.91 6.02
CA ASN B 69 -3.59 47.61 4.76
C ASN B 69 -2.12 47.56 4.31
N GLU B 70 -1.92 47.20 3.04
CA GLU B 70 -0.58 46.92 2.51
C GLU B 70 0.15 48.22 2.20
N GLY B 71 -0.61 49.29 1.92
CA GLY B 71 -0.05 50.57 1.55
C GLY B 71 0.57 51.30 2.74
N PHE B 72 0.10 50.97 3.96
CA PHE B 72 0.57 51.62 5.18
C PHE B 72 1.26 50.58 6.07
N CYS B 73 2.38 50.04 5.58
CA CYS B 73 3.18 49.08 6.33
C CYS B 73 4.64 49.52 6.32
N SER B 74 5.35 49.25 7.43
CA SER B 74 6.75 49.59 7.57
C SER B 74 7.61 48.62 6.75
N ALA B 75 7.30 47.31 6.87
CA ALA B 75 8.03 46.28 6.17
C ALA B 75 7.07 45.22 5.63
N GLY B 76 7.55 44.43 4.67
CA GLY B 76 6.79 43.35 4.07
C GLY B 76 7.66 42.52 3.13
N VAL B 77 7.37 41.21 3.03
CA VAL B 77 8.13 40.33 2.18
C VAL B 77 7.29 39.09 1.84
N GLN B 78 7.50 38.57 0.63
CA GLN B 78 6.81 37.37 0.14
C GLN B 78 7.71 36.16 0.39
N THR B 79 7.15 35.15 1.07
CA THR B 79 7.87 33.91 1.34
C THR B 79 7.55 32.89 0.24
N GLU B 80 8.35 31.82 0.19
CA GLU B 80 8.22 30.81 -0.86
C GLU B 80 6.94 30.00 -0.64
N ALA B 81 6.64 29.67 0.62
CA ALA B 81 5.49 28.84 0.96
C ALA B 81 4.69 29.51 2.07
N GLY B 82 3.58 28.88 2.46
CA GLY B 82 2.66 29.43 3.45
C GLY B 82 3.29 29.51 4.84
N VAL B 83 2.74 30.39 5.68
CA VAL B 83 3.21 30.60 7.03
C VAL B 83 2.24 29.91 8.00
N ALA B 84 2.73 28.86 8.66
CA ALA B 84 1.92 28.09 9.60
C ALA B 84 1.97 28.74 10.98
N ASP B 85 3.18 29.13 11.41
CA ASP B 85 3.36 29.74 12.72
C ASP B 85 4.66 30.55 12.73
N LEU B 86 4.68 31.60 13.55
CA LEU B 86 5.86 32.43 13.72
C LEU B 86 5.91 32.97 15.15
N THR B 87 7.02 33.61 15.50
CA THR B 87 7.18 34.28 16.78
C THR B 87 8.38 35.22 16.70
N TRP B 88 8.41 36.21 17.62
CA TRP B 88 9.49 37.16 17.68
C TRP B 88 10.77 36.49 18.19
N VAL B 89 11.91 36.85 17.57
CA VAL B 89 13.22 36.50 18.08
C VAL B 89 13.85 37.79 18.60
N GLY B 90 13.22 38.38 19.60
CA GLY B 90 13.67 39.63 20.18
C GLY B 90 13.03 40.84 19.51
N GLU B 91 13.82 41.53 18.68
CA GLU B 91 13.42 42.81 18.09
C GLU B 91 13.49 42.75 16.57
N ARG B 92 14.61 42.24 16.03
CA ARG B 92 14.85 42.21 14.60
C ARG B 92 14.38 40.89 13.99
N GLY B 93 14.76 39.78 14.63
CA GLY B 93 14.60 38.45 14.03
C GLY B 93 13.14 37.99 14.03
N ILE B 94 12.79 37.20 12.99
CA ILE B 94 11.48 36.59 12.86
C ILE B 94 11.67 35.14 12.40
N LEU B 95 11.24 34.20 13.24
CA LEU B 95 11.38 32.77 12.94
C LEU B 95 10.04 32.24 12.42
N VAL B 96 10.09 31.44 11.35
CA VAL B 96 8.90 31.05 10.61
C VAL B 96 8.82 29.53 10.54
N ALA B 97 7.59 29.00 10.60
CA ALA B 97 7.31 27.59 10.39
C ALA B 97 6.61 27.42 9.03
N SER B 98 7.36 26.93 8.04
CA SER B 98 6.92 26.90 6.66
C SER B 98 6.28 25.55 6.32
N ASP B 99 5.43 25.54 5.29
CA ASP B 99 4.75 24.35 4.82
C ASP B 99 5.72 23.44 4.06
N SER B 100 6.77 24.04 3.49
CA SER B 100 7.76 23.32 2.70
C SER B 100 8.45 22.26 3.53
N GLY B 101 8.50 22.47 4.85
CA GLY B 101 9.25 21.61 5.76
C GLY B 101 10.49 22.34 6.30
N ALA B 102 10.66 23.59 5.88
CA ALA B 102 11.78 24.42 6.32
C ALA B 102 11.36 25.27 7.50
N VAL B 103 12.28 25.45 8.45
CA VAL B 103 12.19 26.50 9.45
C VAL B 103 13.00 27.69 8.92
N GLU B 104 12.33 28.82 8.73
CA GLU B 104 12.96 30.01 8.16
C GLU B 104 13.19 31.05 9.24
N LEU B 105 14.33 31.74 9.15
CA LEU B 105 14.61 32.90 9.98
C LEU B 105 14.83 34.11 9.07
N TRP B 106 14.09 35.18 9.34
CA TRP B 106 14.28 36.46 8.67
C TRP B 106 14.75 37.49 9.70
N GLU B 107 15.44 38.54 9.22
CA GLU B 107 15.95 39.58 10.09
C GLU B 107 15.68 40.95 9.47
N LEU B 108 15.12 41.86 10.27
CA LEU B 108 14.91 43.24 9.86
C LEU B 108 16.25 43.92 9.70
N ASP B 109 16.35 44.81 8.70
CA ASP B 109 17.55 45.60 8.48
C ASP B 109 17.61 46.72 9.52
N GLU B 110 18.69 47.50 9.50
CA GLU B 110 18.93 48.54 10.50
C GLU B 110 17.87 49.65 10.38
N ASN B 111 17.42 49.92 9.15
CA ASN B 111 16.37 50.90 8.92
C ASN B 111 15.00 50.32 9.26
N GLU B 112 14.88 48.98 9.19
CA GLU B 112 13.66 48.26 9.50
C GLU B 112 12.60 48.59 8.45
N THR B 113 12.98 48.43 7.17
CA THR B 113 12.07 48.60 6.04
C THR B 113 12.02 47.30 5.24
N LEU B 114 13.18 46.70 5.00
CA LEU B 114 13.27 45.43 4.28
C LEU B 114 13.26 44.26 5.27
N ILE B 115 13.07 43.05 4.74
CA ILE B 115 13.12 41.82 5.51
C ILE B 115 13.90 40.79 4.70
N VAL B 116 15.19 40.63 5.02
CA VAL B 116 16.07 39.73 4.28
C VAL B 116 16.07 38.37 4.96
N SER B 117 16.18 37.31 4.15
CA SER B 117 16.15 35.93 4.64
C SER B 117 17.50 35.58 5.27
N LYS B 118 17.48 35.18 6.55
CA LYS B 118 18.67 34.82 7.27
C LYS B 118 19.06 33.38 6.94
N PHE B 119 18.19 32.43 7.29
CA PHE B 119 18.38 31.03 6.91
C PHE B 119 17.01 30.43 6.55
N CYS B 120 17.08 29.26 5.90
CA CYS B 120 15.90 28.54 5.44
C CYS B 120 16.28 27.07 5.25
N LYS B 121 16.19 26.29 6.33
CA LYS B 121 16.72 24.94 6.37
C LYS B 121 15.60 23.91 6.26
N TYR B 122 15.59 23.18 5.13
CA TYR B 122 14.64 22.11 4.90
C TYR B 122 15.12 20.87 5.67
N GLU B 123 14.48 20.60 6.82
CA GLU B 123 14.85 19.47 7.66
C GLU B 123 13.63 18.59 7.94
N HIS B 124 12.51 19.22 8.34
CA HIS B 124 11.25 18.51 8.51
C HIS B 124 10.80 17.92 7.17
N ASP B 125 10.21 16.72 7.23
CA ASP B 125 9.78 16.01 6.03
C ASP B 125 8.33 16.35 5.69
N ASP B 126 7.67 17.14 6.54
CA ASP B 126 6.30 17.56 6.32
C ASP B 126 6.13 18.98 6.87
N ILE B 127 4.93 19.54 6.69
CA ILE B 127 4.61 20.90 7.11
C ILE B 127 5.11 21.12 8.55
N VAL B 128 5.78 22.26 8.76
CA VAL B 128 6.16 22.69 10.09
C VAL B 128 5.00 23.51 10.65
N SER B 129 4.34 22.99 11.69
CA SER B 129 3.08 23.53 12.16
C SER B 129 3.30 24.55 13.29
N THR B 130 4.27 24.29 14.17
CA THR B 130 4.47 25.10 15.36
C THR B 130 5.97 25.34 15.59
N VAL B 131 6.29 26.50 16.18
CA VAL B 131 7.67 26.86 16.50
C VAL B 131 7.66 27.78 17.72
N SER B 132 8.73 27.70 18.53
CA SER B 132 8.85 28.50 19.74
C SER B 132 10.32 28.70 20.09
N VAL B 133 10.65 29.92 20.55
CA VAL B 133 12.02 30.30 20.87
C VAL B 133 12.25 30.09 22.38
N LEU B 134 13.42 29.51 22.71
CA LEU B 134 13.75 29.17 24.08
C LEU B 134 14.27 30.41 24.82
N SER B 135 14.54 30.25 26.12
CA SER B 135 14.90 31.34 27.00
C SER B 135 16.16 32.06 26.53
N SER B 136 17.18 31.28 26.12
CA SER B 136 18.47 31.82 25.75
C SER B 136 18.33 32.85 24.63
N GLY B 137 17.56 32.50 23.59
CA GLY B 137 17.34 33.38 22.45
C GLY B 137 18.25 33.02 21.27
N THR B 138 19.14 32.04 21.47
CA THR B 138 20.00 31.52 20.42
C THR B 138 19.52 30.15 20.00
N GLN B 139 18.39 29.70 20.57
CA GLN B 139 17.85 28.37 20.31
C GLN B 139 16.33 28.45 20.15
N ALA B 140 15.76 27.44 19.49
CA ALA B 140 14.32 27.36 19.28
C ALA B 140 13.94 25.91 18.98
N VAL B 141 12.67 25.57 19.25
CA VAL B 141 12.16 24.23 19.04
C VAL B 141 10.96 24.30 18.10
N SER B 142 10.89 23.35 17.15
CA SER B 142 9.84 23.32 16.15
C SER B 142 9.08 22.00 16.24
N GLY B 143 7.82 22.02 15.78
CA GLY B 143 6.98 20.84 15.72
C GLY B 143 6.34 20.71 14.34
N SER B 144 6.31 19.48 13.81
CA SER B 144 5.91 19.22 12.44
C SER B 144 4.96 18.03 12.37
N LYS B 145 4.30 17.88 11.21
CA LYS B 145 3.36 16.80 10.96
C LYS B 145 4.09 15.50 10.68
N ASP B 146 5.42 15.58 10.44
CA ASP B 146 6.26 14.41 10.26
C ASP B 146 6.47 13.71 11.60
N ILE B 147 5.97 14.31 12.70
CA ILE B 147 5.87 13.69 14.01
C ILE B 147 7.14 14.00 14.83
N CYS B 148 8.16 14.60 14.18
CA CYS B 148 9.41 14.90 14.84
C CYS B 148 9.32 16.23 15.59
N ILE B 149 10.23 16.40 16.56
CA ILE B 149 10.49 17.67 17.21
C ILE B 149 11.99 17.91 17.17
N LYS B 150 12.40 19.07 16.65
CA LYS B 150 13.80 19.38 16.43
C LYS B 150 14.22 20.58 17.26
N VAL B 151 15.45 20.52 17.80
CA VAL B 151 16.04 21.62 18.54
C VAL B 151 17.07 22.31 17.65
N TRP B 152 16.91 23.62 17.47
CA TRP B 152 17.72 24.39 16.53
C TRP B 152 18.70 25.28 17.30
N ASP B 153 19.80 25.66 16.61
CA ASP B 153 20.66 26.75 17.04
C ASP B 153 20.60 27.83 15.97
N LEU B 154 20.26 29.06 16.39
CA LEU B 154 20.00 30.16 15.47
C LEU B 154 21.33 30.80 15.04
N ALA B 155 22.40 30.53 15.78
CA ALA B 155 23.72 31.07 15.47
C ALA B 155 24.39 30.24 14.37
N GLN B 156 24.58 28.95 14.64
CA GLN B 156 25.26 28.06 13.71
C GLN B 156 24.32 27.63 12.59
N GLN B 157 23.00 27.74 12.82
CA GLN B 157 21.99 27.43 11.82
C GLN B 157 22.04 25.94 11.49
N VAL B 158 21.89 25.11 12.53
CA VAL B 158 21.89 23.66 12.39
C VAL B 158 20.95 23.07 13.44
N VAL B 159 20.56 21.81 13.22
CA VAL B 159 19.69 21.09 14.14
C VAL B 159 20.57 20.38 15.17
N LEU B 160 20.37 20.73 16.45
CA LEU B 160 21.15 20.15 17.54
C LEU B 160 20.67 18.72 17.79
N SER B 161 19.36 18.54 17.95
CA SER B 161 18.77 17.25 18.24
C SER B 161 17.50 17.04 17.43
N SER B 162 17.11 15.76 17.26
CA SER B 162 15.88 15.39 16.59
C SER B 162 15.18 14.29 17.40
N TYR B 163 13.90 14.50 17.71
CA TYR B 163 13.16 13.66 18.64
C TYR B 163 11.85 13.19 18.01
N ARG B 164 11.76 11.87 17.75
CA ARG B 164 10.50 11.25 17.39
C ARG B 164 9.90 10.65 18.66
N ALA B 165 9.27 11.51 19.47
CA ALA B 165 8.68 11.10 20.74
C ALA B 165 7.20 10.75 20.54
N HIS B 166 6.48 11.63 19.83
CA HIS B 166 5.06 11.44 19.59
C HIS B 166 4.84 10.36 18.52
N ALA B 167 3.58 9.93 18.38
CA ALA B 167 3.19 8.92 17.42
C ALA B 167 2.18 9.50 16.42
N ALA B 168 2.14 10.83 16.32
CA ALA B 168 1.21 11.52 15.45
C ALA B 168 1.68 12.96 15.20
N GLN B 169 0.88 13.73 14.48
CA GLN B 169 1.22 15.10 14.13
C GLN B 169 1.40 15.94 15.39
N VAL B 170 2.52 16.67 15.46
CA VAL B 170 2.79 17.57 16.57
C VAL B 170 2.02 18.87 16.32
N THR B 171 1.13 19.21 17.26
CA THR B 171 0.19 20.31 17.09
C THR B 171 0.84 21.61 17.58
N CYS B 172 1.29 21.61 18.84
CA CYS B 172 1.80 22.81 19.48
C CYS B 172 3.03 22.49 20.32
N VAL B 173 4.03 23.37 20.25
CA VAL B 173 5.20 23.34 21.12
C VAL B 173 5.31 24.71 21.79
N ALA B 174 5.74 24.72 23.06
CA ALA B 174 5.82 25.94 23.84
C ALA B 174 7.04 25.91 24.76
N ALA B 175 7.97 26.83 24.51
CA ALA B 175 9.19 26.94 25.31
C ALA B 175 8.84 27.50 26.69
N SER B 176 9.45 26.94 27.73
CA SER B 176 9.36 27.49 29.07
C SER B 176 9.95 28.90 29.07
N PRO B 177 9.28 29.88 29.71
CA PRO B 177 9.73 31.28 29.65
C PRO B 177 11.12 31.52 30.24
N HIS B 178 11.41 30.87 31.37
CA HIS B 178 12.59 31.17 32.16
C HIS B 178 13.52 29.96 32.27
N LYS B 179 13.33 28.96 31.40
CA LYS B 179 14.13 27.75 31.43
C LYS B 179 14.46 27.33 29.99
N ASP B 180 15.75 27.24 29.69
CA ASP B 180 16.25 27.03 28.34
C ASP B 180 16.03 25.58 27.91
N SER B 181 16.22 24.64 28.84
CA SER B 181 16.20 23.22 28.53
C SER B 181 14.78 22.66 28.52
N VAL B 182 13.82 23.41 29.09
CA VAL B 182 12.47 22.92 29.29
C VAL B 182 11.55 23.50 28.21
N PHE B 183 10.66 22.64 27.68
CA PHE B 183 9.60 23.07 26.78
C PHE B 183 8.49 22.02 26.79
N LEU B 184 7.27 22.45 26.48
CA LEU B 184 6.13 21.56 26.36
C LEU B 184 5.92 21.20 24.89
N SER B 185 5.17 20.13 24.65
CA SER B 185 4.69 19.78 23.33
C SER B 185 3.43 18.92 23.44
N CYS B 186 2.56 19.03 22.44
CA CYS B 186 1.33 18.25 22.40
C CYS B 186 1.05 17.80 20.98
N SER B 187 0.36 16.66 20.86
CA SER B 187 0.20 15.98 19.58
C SER B 187 -1.17 15.30 19.51
N GLU B 188 -1.52 14.80 18.32
CA GLU B 188 -2.80 14.16 18.07
C GLU B 188 -2.82 12.74 18.64
N ASP B 189 -1.67 12.25 19.10
CA ASP B 189 -1.59 10.95 19.76
C ASP B 189 -2.12 11.04 21.19
N ASN B 190 -2.56 12.23 21.61
CA ASN B 190 -3.18 12.46 22.90
C ASN B 190 -2.11 12.37 23.99
N ARG B 191 -1.00 13.10 23.78
CA ARG B 191 0.08 13.18 24.75
C ARG B 191 0.44 14.65 24.95
N ILE B 192 0.72 15.02 26.20
CA ILE B 192 1.30 16.31 26.54
C ILE B 192 2.66 16.06 27.19
N LEU B 193 3.72 16.18 26.38
CA LEU B 193 5.07 15.89 26.83
C LEU B 193 5.71 17.15 27.42
N LEU B 194 6.22 17.01 28.65
CA LEU B 194 7.08 18.02 29.27
C LEU B 194 8.53 17.57 29.10
N TRP B 195 9.35 18.45 28.50
CA TRP B 195 10.69 18.10 28.09
C TRP B 195 11.73 18.69 29.04
N ASP B 196 12.94 18.14 28.97
CA ASP B 196 14.09 18.63 29.72
C ASP B 196 15.34 17.99 29.09
N THR B 197 16.09 18.76 28.31
CA THR B 197 17.14 18.23 27.46
C THR B 197 18.34 17.77 28.27
N ARG B 198 18.36 18.08 29.58
CA ARG B 198 19.44 17.69 30.46
C ARG B 198 19.37 16.20 30.78
N CYS B 199 18.15 15.64 30.79
CA CYS B 199 17.95 14.24 31.12
C CYS B 199 18.30 13.34 29.92
N PRO B 200 18.67 12.06 30.15
CA PRO B 200 18.88 11.12 29.05
C PRO B 200 17.60 10.86 28.26
N LYS B 201 16.51 10.56 28.98
CA LYS B 201 15.17 10.52 28.43
C LYS B 201 14.48 11.84 28.72
N PRO B 202 14.49 12.82 27.78
CA PRO B 202 14.02 14.17 28.08
C PRO B 202 12.51 14.30 28.27
N ALA B 203 11.73 13.60 27.44
CA ALA B 203 10.29 13.74 27.44
C ALA B 203 9.70 13.10 28.69
N SER B 204 8.61 13.71 29.21
CA SER B 204 7.90 13.20 30.36
C SER B 204 6.40 13.43 30.16
N GLN B 205 5.64 12.34 30.04
CA GLN B 205 4.24 12.38 29.69
C GLN B 205 3.42 12.79 30.92
N ILE B 206 2.67 13.90 30.79
CA ILE B 206 1.82 14.39 31.86
C ILE B 206 0.49 13.64 31.82
N GLY B 207 0.15 12.98 32.93
CA GLY B 207 -1.09 12.24 33.04
C GLY B 207 -2.23 13.14 33.50
N GLY B 212 -8.43 12.65 27.53
CA GLY B 212 -9.55 12.14 26.72
C GLY B 212 -9.56 12.77 25.33
N TYR B 213 -9.73 14.09 25.28
CA TYR B 213 -9.78 14.85 24.05
C TYR B 213 -8.38 15.37 23.71
N LEU B 214 -8.10 15.49 22.41
CA LEU B 214 -6.76 15.76 21.93
C LEU B 214 -6.33 17.17 22.33
N PRO B 215 -5.05 17.35 22.75
CA PRO B 215 -4.52 18.68 23.05
C PRO B 215 -4.12 19.44 21.79
N THR B 216 -4.49 20.73 21.73
CA THR B 216 -4.31 21.53 20.51
C THR B 216 -3.39 22.72 20.78
N SER B 217 -3.55 23.38 21.94
CA SER B 217 -2.81 24.59 22.25
C SER B 217 -2.17 24.49 23.63
N LEU B 218 -1.04 25.18 23.80
CA LEU B 218 -0.28 25.20 25.05
C LEU B 218 0.09 26.63 25.39
N ALA B 219 0.25 26.91 26.70
CA ALA B 219 0.67 28.22 27.16
C ALA B 219 1.21 28.13 28.59
N TRP B 220 2.50 28.40 28.75
CA TRP B 220 3.12 28.53 30.05
C TRP B 220 2.54 29.74 30.78
N HIS B 221 2.47 29.65 32.12
CA HIS B 221 2.10 30.78 32.95
C HIS B 221 3.32 31.70 33.07
N PRO B 222 3.16 33.03 32.93
CA PRO B 222 4.30 33.95 32.92
C PRO B 222 5.00 34.11 34.26
N GLN B 223 4.24 34.11 35.36
CA GLN B 223 4.76 34.40 36.68
C GLN B 223 5.07 33.13 37.45
N GLN B 224 4.66 31.97 36.93
CA GLN B 224 4.88 30.69 37.59
C GLN B 224 5.49 29.70 36.60
N SER B 225 6.68 29.19 36.94
CA SER B 225 7.46 28.35 36.04
C SER B 225 6.97 26.90 36.05
N GLU B 226 6.10 26.56 37.02
CA GLU B 226 5.65 25.19 37.21
C GLU B 226 4.20 25.03 36.75
N VAL B 227 3.61 26.09 36.17
CA VAL B 227 2.21 26.09 35.79
C VAL B 227 2.10 26.27 34.27
N PHE B 228 1.05 25.67 33.68
CA PHE B 228 0.73 25.87 32.28
C PHE B 228 -0.75 25.55 32.06
N VAL B 229 -1.29 26.07 30.95
CA VAL B 229 -2.67 25.82 30.54
C VAL B 229 -2.64 25.21 29.15
N PHE B 230 -3.63 24.36 28.84
CA PHE B 230 -3.74 23.75 27.53
C PHE B 230 -5.21 23.73 27.10
N GLY B 231 -5.44 23.99 25.81
CA GLY B 231 -6.76 23.88 25.20
C GLY B 231 -6.86 22.64 24.32
N ASP B 232 -8.04 22.02 24.30
CA ASP B 232 -8.23 20.77 23.59
C ASP B 232 -9.10 21.00 22.35
N GLU B 233 -9.36 19.92 21.60
CA GLU B 233 -10.16 19.97 20.38
C GLU B 233 -11.63 20.17 20.71
N ASN B 234 -12.06 19.74 21.91
CA ASN B 234 -13.46 19.78 22.30
C ASN B 234 -13.84 21.18 22.74
N GLY B 235 -12.86 22.01 23.10
CA GLY B 235 -13.08 23.41 23.42
C GLY B 235 -12.84 23.73 24.90
N THR B 236 -12.48 22.70 25.69
CA THR B 236 -12.22 22.88 27.11
C THR B 236 -10.83 23.50 27.31
N VAL B 237 -10.78 24.59 28.09
CA VAL B 237 -9.53 25.20 28.52
C VAL B 237 -9.22 24.68 29.91
N SER B 238 -7.98 24.19 30.10
CA SER B 238 -7.60 23.52 31.34
C SER B 238 -6.51 24.32 32.05
N LEU B 239 -6.31 24.02 33.34
CA LEU B 239 -5.29 24.62 34.18
C LEU B 239 -4.54 23.52 34.92
N VAL B 240 -3.23 23.41 34.65
CA VAL B 240 -2.43 22.30 35.13
C VAL B 240 -1.25 22.83 35.94
N ASP B 241 -0.98 22.18 37.08
CA ASP B 241 0.27 22.34 37.80
C ASP B 241 1.14 21.11 37.52
N THR B 242 2.45 21.32 37.42
CA THR B 242 3.37 20.25 37.04
C THR B 242 3.48 19.22 38.17
N LYS B 243 3.29 19.67 39.41
CA LYS B 243 3.36 18.80 40.57
C LYS B 243 2.17 17.85 40.58
N SER B 244 0.96 18.41 40.76
CA SER B 244 -0.26 17.63 40.82
C SER B 244 -0.97 17.66 39.45
N CYS B 247 -4.99 16.21 39.93
CA CYS B 247 -5.68 17.46 40.36
C CYS B 247 -5.47 18.56 39.32
N VAL B 248 -6.53 18.85 38.55
CA VAL B 248 -6.50 19.88 37.53
C VAL B 248 -7.86 20.58 37.50
N LEU B 249 -7.85 21.85 37.05
CA LEU B 249 -9.05 22.65 36.91
C LEU B 249 -9.26 22.94 35.43
N SER B 250 -10.53 23.09 35.02
CA SER B 250 -10.87 23.33 33.63
C SER B 250 -12.23 24.01 33.51
N SER B 251 -12.56 24.46 32.29
CA SER B 251 -13.84 25.09 32.00
C SER B 251 -14.15 24.99 30.50
N ALA B 252 -15.43 24.77 30.18
CA ALA B 252 -15.89 24.67 28.80
C ALA B 252 -16.09 26.08 28.24
N VAL B 253 -15.03 26.64 27.65
CA VAL B 253 -15.04 28.01 27.17
C VAL B 253 -15.66 28.05 25.78
N HIS B 254 -15.03 27.35 24.83
CA HIS B 254 -15.42 27.40 23.43
C HIS B 254 -16.24 26.17 23.06
N SER B 255 -16.93 26.26 21.92
CA SER B 255 -17.73 25.17 21.39
C SER B 255 -16.93 24.31 20.40
N GLN B 256 -15.72 24.78 20.04
CA GLN B 256 -14.87 24.08 19.09
C GLN B 256 -13.41 24.21 19.51
N CYS B 257 -12.54 23.53 18.74
CA CYS B 257 -11.11 23.44 19.00
C CYS B 257 -10.52 24.79 19.43
N VAL B 258 -9.74 24.77 20.51
CA VAL B 258 -9.00 25.93 21.00
C VAL B 258 -7.70 26.03 20.20
N THR B 259 -7.54 27.13 19.46
CA THR B 259 -6.45 27.28 18.52
C THR B 259 -5.18 27.75 19.26
N GLY B 260 -5.35 28.66 20.22
CA GLY B 260 -4.22 29.26 20.90
C GLY B 260 -4.61 29.86 22.25
N LEU B 261 -3.61 30.02 23.13
CA LEU B 261 -3.79 30.58 24.46
C LEU B 261 -2.64 31.55 24.74
N VAL B 262 -2.98 32.78 25.15
CA VAL B 262 -2.00 33.82 25.37
C VAL B 262 -2.35 34.57 26.65
N PHE B 263 -1.39 34.64 27.59
CA PHE B 263 -1.56 35.36 28.84
C PHE B 263 -1.25 36.84 28.62
N SER B 264 -1.89 37.69 29.43
CA SER B 264 -1.69 39.13 29.37
C SER B 264 -0.39 39.50 30.07
N PRO B 265 0.16 40.73 29.85
CA PRO B 265 1.37 41.17 30.53
C PRO B 265 1.18 41.66 31.97
N HIS B 266 -0.05 41.57 32.49
CA HIS B 266 -0.36 42.00 33.84
C HIS B 266 0.41 41.17 34.87
N SER B 267 0.53 41.73 36.09
CA SER B 267 1.12 41.01 37.22
C SER B 267 0.23 39.83 37.59
N VAL B 268 -1.08 40.09 37.70
CA VAL B 268 -2.10 39.05 37.78
C VAL B 268 -2.67 38.85 36.39
N PRO B 269 -2.19 37.84 35.61
CA PRO B 269 -2.48 37.76 34.18
C PRO B 269 -3.88 37.26 33.83
N PHE B 270 -4.43 37.82 32.75
CA PHE B 270 -5.67 37.33 32.14
C PHE B 270 -5.30 36.46 30.94
N LEU B 271 -6.08 35.40 30.72
CA LEU B 271 -5.83 34.45 29.64
C LEU B 271 -6.83 34.69 28.52
N ALA B 272 -6.32 35.06 27.33
CA ALA B 272 -7.13 35.18 26.13
C ALA B 272 -7.14 33.85 25.39
N SER B 273 -8.35 33.36 25.07
CA SER B 273 -8.52 32.09 24.39
C SER B 273 -9.23 32.30 23.05
N LEU B 274 -8.69 31.66 22.00
CA LEU B 274 -9.23 31.74 20.65
C LEU B 274 -9.57 30.33 20.18
N SER B 275 -10.45 30.24 19.18
CA SER B 275 -11.01 28.97 18.76
C SER B 275 -11.52 29.05 17.32
N GLU B 276 -12.01 27.92 16.80
CA GLU B 276 -12.54 27.81 15.46
C GLU B 276 -14.05 28.07 15.46
N ASP B 277 -14.60 28.44 16.62
CA ASP B 277 -16.02 28.77 16.73
C ASP B 277 -16.25 30.25 16.44
N CYS B 278 -15.18 30.97 16.07
CA CYS B 278 -15.26 32.37 15.66
C CYS B 278 -15.66 33.23 16.85
N SER B 279 -14.83 33.15 17.92
CA SER B 279 -15.05 33.94 19.11
C SER B 279 -13.74 34.11 19.87
N LEU B 280 -13.75 35.07 20.81
CA LEU B 280 -12.64 35.32 21.71
C LEU B 280 -13.19 35.44 23.13
N ALA B 281 -12.47 34.86 24.10
CA ALA B 281 -12.87 34.92 25.49
C ALA B 281 -11.65 35.21 26.36
N VAL B 282 -11.80 36.21 27.25
CA VAL B 282 -10.76 36.56 28.20
C VAL B 282 -11.15 35.96 29.56
N LEU B 283 -10.23 35.20 30.15
CA LEU B 283 -10.49 34.46 31.38
C LEU B 283 -9.60 34.99 32.49
N ASP B 284 -10.05 34.80 33.74
CA ASP B 284 -9.31 35.24 34.92
C ASP B 284 -8.40 34.11 35.38
N SER B 285 -8.06 34.10 36.68
CA SER B 285 -7.17 33.09 37.24
C SER B 285 -7.89 31.77 37.42
N SER B 286 -9.20 31.82 37.69
CA SER B 286 -9.99 30.62 37.95
C SER B 286 -10.85 30.24 36.72
N LEU B 287 -10.39 30.65 35.53
CA LEU B 287 -11.04 30.31 34.26
C LEU B 287 -12.52 30.70 34.31
N SER B 288 -12.80 31.93 34.76
CA SER B 288 -14.14 32.49 34.71
C SER B 288 -14.20 33.54 33.61
N GLU B 289 -15.32 33.55 32.86
CA GLU B 289 -15.45 34.37 31.68
C GLU B 289 -15.64 35.83 32.07
N LEU B 290 -14.71 36.69 31.61
CA LEU B 290 -14.77 38.12 31.83
C LEU B 290 -15.35 38.79 30.59
N PHE B 291 -14.68 38.58 29.45
CA PHE B 291 -15.02 39.24 28.20
C PHE B 291 -15.49 38.20 27.19
N ARG B 292 -16.29 38.65 26.22
CA ARG B 292 -16.72 37.82 25.09
C ARG B 292 -16.78 38.68 23.84
N SER B 293 -16.27 38.15 22.71
CA SER B 293 -16.19 38.90 21.47
C SER B 293 -16.44 37.97 20.28
N GLN B 294 -17.59 38.13 19.63
CA GLN B 294 -17.92 37.41 18.42
C GLN B 294 -17.70 38.33 17.22
N ALA B 295 -16.51 38.93 17.14
CA ALA B 295 -16.19 39.94 16.15
C ALA B 295 -15.85 39.27 14.82
N HIS B 296 -15.03 38.22 14.87
CA HIS B 296 -14.59 37.52 13.68
C HIS B 296 -15.74 36.71 13.07
N ARG B 297 -15.69 36.55 11.74
CA ARG B 297 -16.63 35.73 11.01
C ARG B 297 -15.99 34.41 10.56
N ASP B 298 -14.66 34.30 10.71
CA ASP B 298 -13.93 33.11 10.32
C ASP B 298 -13.06 32.66 11.50
N PHE B 299 -12.09 31.77 11.24
CA PHE B 299 -11.31 31.16 12.30
C PHE B 299 -10.38 32.20 12.92
N VAL B 300 -10.43 32.32 14.25
CA VAL B 300 -9.54 33.17 15.02
C VAL B 300 -8.23 32.42 15.22
N ARG B 301 -7.12 33.00 14.75
CA ARG B 301 -5.87 32.27 14.60
C ARG B 301 -4.85 32.66 15.67
N ASP B 302 -4.81 33.94 16.07
CA ASP B 302 -3.80 34.40 17.01
C ASP B 302 -4.33 35.60 17.81
N ALA B 303 -3.67 35.86 18.94
CA ALA B 303 -3.94 37.03 19.77
C ALA B 303 -2.62 37.57 20.31
N THR B 304 -2.58 38.87 20.60
CA THR B 304 -1.38 39.52 21.12
C THR B 304 -1.78 40.78 21.88
N TRP B 305 -1.37 40.85 23.15
CA TRP B 305 -1.67 41.99 24.01
C TRP B 305 -0.73 43.14 23.68
N SER B 306 -1.29 44.36 23.65
CA SER B 306 -0.50 45.56 23.42
C SER B 306 0.40 45.83 24.63
N PRO B 307 1.74 45.92 24.45
CA PRO B 307 2.64 46.15 25.58
C PRO B 307 2.56 47.56 26.14
N LEU B 308 2.19 48.53 25.29
CA LEU B 308 1.97 49.91 25.70
C LEU B 308 0.74 49.96 26.61
N ASN B 309 -0.41 49.52 26.06
CA ASN B 309 -1.66 49.53 26.78
C ASN B 309 -2.10 48.09 27.03
N HIS B 310 -2.01 47.66 28.29
CA HIS B 310 -2.21 46.26 28.65
C HIS B 310 -3.68 45.85 28.53
N SER B 311 -4.59 46.83 28.47
CA SER B 311 -6.01 46.56 28.37
C SER B 311 -6.43 46.26 26.93
N LEU B 312 -5.54 46.56 25.96
CA LEU B 312 -5.83 46.32 24.55
C LEU B 312 -5.36 44.92 24.16
N LEU B 313 -6.07 44.33 23.19
CA LEU B 313 -5.77 43.00 22.68
C LEU B 313 -6.13 42.95 21.20
N THR B 314 -5.14 42.56 20.37
CA THR B 314 -5.31 42.51 18.93
C THR B 314 -5.44 41.06 18.48
N THR B 315 -6.54 40.75 17.79
CA THR B 315 -6.78 39.42 17.23
C THR B 315 -6.71 39.49 15.71
N VAL B 316 -6.39 38.34 15.09
CA VAL B 316 -6.39 38.20 13.65
C VAL B 316 -7.05 36.88 13.30
N GLY B 317 -7.68 36.82 12.11
CA GLY B 317 -8.39 35.64 11.67
C GLY B 317 -8.35 35.47 10.15
N TRP B 318 -9.01 34.42 9.66
CA TRP B 318 -9.02 34.11 8.24
C TRP B 318 -10.01 35.00 7.49
N ASP B 319 -10.87 35.72 8.23
CA ASP B 319 -11.79 36.68 7.63
C ASP B 319 -11.03 37.95 7.23
N HIS B 320 -9.73 38.01 7.55
CA HIS B 320 -8.84 39.07 7.08
C HIS B 320 -9.13 40.36 7.86
N GLN B 321 -9.56 40.21 9.11
CA GLN B 321 -9.74 41.34 10.02
C GLN B 321 -8.56 41.41 10.98
N VAL B 322 -8.32 42.61 11.51
CA VAL B 322 -7.36 42.82 12.58
C VAL B 322 -8.04 43.66 13.66
N VAL B 323 -8.78 42.97 14.55
CA VAL B 323 -9.68 43.63 15.49
C VAL B 323 -8.91 43.95 16.77
N HIS B 324 -9.08 45.17 17.27
CA HIS B 324 -8.48 45.62 18.51
C HIS B 324 -9.56 45.68 19.59
N HIS B 325 -9.40 44.86 20.63
CA HIS B 325 -10.42 44.71 21.67
C HIS B 325 -10.01 45.51 22.90
N VAL B 326 -11.01 46.13 23.55
CA VAL B 326 -10.81 46.84 24.80
C VAL B 326 -11.27 45.93 25.94
N VAL B 327 -10.28 45.34 26.63
CA VAL B 327 -10.55 44.38 27.70
C VAL B 327 -10.82 45.15 28.98
N PRO B 328 -11.98 44.94 29.66
CA PRO B 328 -12.30 45.66 30.89
C PRO B 328 -11.47 45.20 32.08
N THR B 329 -10.37 45.93 32.34
CA THR B 329 -9.45 45.62 33.43
C THR B 329 -9.40 46.79 34.38
#